data_1NCC
#
_entry.id   1NCC
#
_cell.length_a   167.000
_cell.length_b   167.000
_cell.length_c   124.000
_cell.angle_alpha   90.00
_cell.angle_beta   90.00
_cell.angle_gamma   90.00
#
_symmetry.space_group_name_H-M   'P 4 21 2'
#
loop_
_entity.id
_entity.type
_entity.pdbx_description
1 polymer 'INFLUENZA A SUBTYPE N9 NEURAMINIDASE'
2 polymer 'IGG2A-KAPPA NC41 FAB (LIGHT CHAIN)'
3 polymer 'IGG2A-KAPPA NC41 FAB (HEAVY CHAIN)'
4 branched alpha-D-mannopyranose-(1-2)-alpha-D-mannopyranose-(1-2)-alpha-D-mannopyranose-(1-3)-beta-D-mannopyranose-(1-4)-2-acetamido-2-deoxy-beta-D-glucopyranose-(1-4)-2-acetamido-2-deoxy-beta-D-glucopyranose
5 non-polymer 2-acetamido-2-deoxy-beta-D-glucopyranose
6 non-polymer 'CALCIUM ION'
#
loop_
_entity_poly.entity_id
_entity_poly.type
_entity_poly.pdbx_seq_one_letter_code
_entity_poly.pdbx_strand_id
1 'polypeptide(L)'
;IRDFNNLTKGLCTINSWHIYGKDNAVRIGEDSDVLVTREPYVSCDPDECRFYALSQGTTIRGKHSNGTIHDRSQYRALIS
WPLSSPPTVYNSRVECIGWSSTSCHDGKTRMSICISGPNNNASAVIWYNRRPVTEINTWARNILRTQESECVCHNGVCPV
VFTDGSATGPAETRIYYFKEGKILKWEPLAGTAKHIEECSCYGERAEITCTCRDNWQGSNRPVIRIDPVAMTHTSQYICS
PVLTDNPRPNDPTVGKCNDPYPGNNNNGVKGFSYLDGVNTWLGRTISRASRSGYEMLKVPNALTDDKSKPTQGQTIVLNT
DWSGYSGSFMDYWAEGECYRACFYVELIRGRPKEDKVWWTSNSIVSMCSSTEFLGQWDWPDGAKIEYFL
;
N
2 'polypeptide(L)'
;DIVMTQSPKFMSTSVGDRVTITCKASQDVSTAVVWYQQKPGQSPKLLIYWASTRHIGVPDRFAGSGSGTDYTLTISSVQA
EDLALYYCQQHYSPPWTFGGGTKLEIKRADAAPTVSIFPPSSEQLTSGGASVVCFLNNFYPKDINVKWKIDGSERQNGVL
NSWTDQDSKDSTYSMSSTLTLTKDEYERHNSYTCEATHKTSTSPIVKSFNRNEC
;
L
3 'polypeptide(L)'
;QIQLVQSGPELKKPGETVKISCKASGYTFTNYGMNWVKQAPGKGLKWMGWINTNTGEPTYGEEFKGRFAFSLETSASTAN
LQINNLKNEDTATFFCARGEDNFGSLSDYWGQGTTVTVSSAKTTAPSVYPLAPVCGDTTGSSVTLGCLVKGYFPEPVTLT
WNSGSLSSGVHTFPAVLQSDLYTLSSSVTVTSSTWPSQSITCNVAHPASSTKVDKKIEPRG
;
H
#
# COMPACT_ATOMS: atom_id res chain seq x y z
N ILE A 1 36.98 -32.56 -12.60
CA ILE A 1 37.40 -33.79 -11.96
C ILE A 1 37.05 -34.71 -13.11
N ARG A 2 37.97 -35.60 -13.49
CA ARG A 2 37.79 -36.52 -14.62
C ARG A 2 36.63 -37.53 -14.58
N ASP A 3 35.73 -37.52 -13.57
CA ASP A 3 34.66 -38.48 -13.38
C ASP A 3 33.48 -37.62 -12.97
N PHE A 4 32.31 -37.99 -13.47
CA PHE A 4 31.04 -37.30 -13.21
C PHE A 4 30.72 -37.22 -11.74
N ASN A 5 29.85 -36.28 -11.30
CA ASN A 5 29.60 -36.13 -9.87
C ASN A 5 28.45 -37.00 -9.38
N ASN A 6 28.40 -37.37 -8.12
CA ASN A 6 27.22 -38.00 -7.52
C ASN A 6 26.73 -37.18 -6.35
N LEU A 7 25.46 -37.03 -6.05
CA LEU A 7 25.10 -36.23 -4.89
C LEU A 7 25.13 -37.22 -3.72
N THR A 8 26.19 -37.30 -2.95
CA THR A 8 26.31 -38.32 -1.92
C THR A 8 26.16 -37.90 -0.50
N LYS A 9 26.13 -36.57 -0.30
CA LYS A 9 25.94 -35.94 1.01
C LYS A 9 24.55 -35.32 1.03
N GLY A 10 24.21 -34.89 2.23
CA GLY A 10 22.99 -34.22 2.53
C GLY A 10 23.48 -32.86 2.91
N LEU A 11 22.52 -32.00 3.15
CA LEU A 11 22.78 -30.63 3.58
C LEU A 11 23.46 -30.60 4.92
N CYS A 12 24.22 -29.57 5.22
CA CYS A 12 24.77 -29.36 6.57
C CYS A 12 23.71 -28.66 7.40
N THR A 13 23.84 -28.65 8.73
CA THR A 13 22.90 -27.96 9.63
C THR A 13 22.93 -26.44 9.41
N ILE A 14 21.87 -25.82 8.88
CA ILE A 14 21.78 -24.37 8.56
C ILE A 14 21.26 -23.67 9.78
N ASN A 15 22.19 -23.10 10.53
CA ASN A 15 21.96 -22.33 11.76
C ASN A 15 22.12 -20.83 11.65
N SER A 16 22.83 -20.30 10.65
CA SER A 16 22.83 -18.90 10.33
C SER A 16 23.33 -18.78 8.92
N TRP A 17 23.77 -17.64 8.39
CA TRP A 17 24.24 -17.58 7.01
C TRP A 17 25.44 -16.66 6.99
N HIS A 18 26.59 -17.06 6.52
CA HIS A 18 27.67 -16.10 6.44
C HIS A 18 27.69 -15.51 5.07
N ILE A 19 28.55 -14.48 4.83
CA ILE A 19 28.75 -13.90 3.48
C ILE A 19 29.75 -14.71 2.76
N TYR A 20 29.32 -15.01 1.53
CA TYR A 20 30.12 -15.70 0.55
C TYR A 20 30.65 -14.76 -0.48
N GLY A 21 29.90 -13.94 -1.20
CA GLY A 21 30.48 -13.05 -2.17
C GLY A 21 29.57 -11.94 -2.62
N LYS A 22 30.00 -10.70 -2.69
CA LYS A 22 29.14 -9.66 -3.19
C LYS A 22 30.02 -8.80 -4.08
N ASP A 23 29.73 -8.78 -5.41
CA ASP A 23 30.35 -7.83 -6.37
C ASP A 23 29.69 -6.49 -6.06
N ASN A 24 30.30 -5.33 -6.29
CA ASN A 24 29.60 -4.12 -5.96
C ASN A 24 29.38 -3.50 -7.31
N ALA A 25 28.89 -4.31 -8.21
CA ALA A 25 28.90 -3.97 -9.62
C ALA A 25 28.35 -2.64 -10.01
N VAL A 26 27.26 -2.24 -9.38
CA VAL A 26 26.66 -0.96 -9.70
C VAL A 26 27.49 0.12 -9.04
N ARG A 27 28.04 -0.03 -7.82
CA ARG A 27 28.87 1.04 -7.28
C ARG A 27 30.10 1.18 -8.17
N ILE A 28 30.67 0.08 -8.69
CA ILE A 28 31.84 0.24 -9.51
C ILE A 28 31.54 0.73 -10.91
N GLY A 29 30.28 0.64 -11.32
CA GLY A 29 29.86 1.00 -12.66
C GLY A 29 29.55 2.46 -12.95
N GLU A 30 29.64 3.32 -11.96
CA GLU A 30 29.59 4.77 -12.18
C GLU A 30 30.95 5.23 -12.73
N ASP A 31 32.01 4.40 -12.63
CA ASP A 31 33.32 4.70 -13.20
C ASP A 31 34.07 3.50 -13.81
N SER A 32 33.87 2.19 -13.70
CA SER A 32 34.63 1.30 -14.62
C SER A 32 33.59 0.94 -15.65
N ASP A 33 34.04 0.22 -16.68
CA ASP A 33 33.17 -0.33 -17.70
C ASP A 33 32.53 -1.69 -17.29
N VAL A 34 31.43 -1.53 -16.58
CA VAL A 34 30.62 -2.67 -16.24
C VAL A 34 29.46 -2.82 -17.23
N LEU A 35 29.08 -4.04 -17.56
CA LEU A 35 27.92 -4.28 -18.38
C LEU A 35 26.75 -4.36 -17.43
N VAL A 36 25.73 -3.81 -18.03
CA VAL A 36 24.37 -3.90 -17.55
C VAL A 36 23.93 -5.37 -17.52
N THR A 37 23.82 -6.05 -16.39
CA THR A 37 23.25 -7.37 -16.39
C THR A 37 21.92 -7.37 -15.72
N ARG A 38 21.25 -8.46 -15.88
CA ARG A 38 20.13 -8.77 -15.04
C ARG A 38 20.11 -10.28 -14.97
N GLU A 39 19.22 -10.86 -14.16
CA GLU A 39 19.13 -12.27 -13.88
C GLU A 39 20.45 -12.94 -13.60
N PRO A 40 21.05 -12.75 -12.47
CA PRO A 40 22.24 -13.43 -12.05
C PRO A 40 22.11 -14.81 -11.52
N TYR A 41 23.18 -15.57 -11.63
CA TYR A 41 23.13 -16.76 -10.82
C TYR A 41 24.56 -17.02 -10.48
N VAL A 42 24.89 -18.01 -9.71
CA VAL A 42 26.26 -18.27 -9.35
C VAL A 42 26.30 -19.76 -9.52
N SER A 43 27.28 -20.35 -10.22
CA SER A 43 27.43 -21.81 -10.28
C SER A 43 28.89 -22.22 -10.24
N CYS A 44 29.24 -23.30 -9.52
CA CYS A 44 30.63 -23.75 -9.35
C CYS A 44 30.97 -24.87 -10.33
N ASP A 45 32.28 -24.86 -10.50
CA ASP A 45 33.06 -25.80 -11.27
C ASP A 45 33.73 -26.63 -10.19
N PRO A 46 34.39 -27.77 -10.40
CA PRO A 46 35.25 -28.39 -9.40
C PRO A 46 36.35 -27.46 -8.96
N ASP A 47 36.79 -26.57 -9.86
CA ASP A 47 37.87 -25.63 -9.63
C ASP A 47 37.59 -24.19 -9.35
N GLU A 48 36.39 -23.64 -9.53
CA GLU A 48 36.13 -22.28 -9.07
C GLU A 48 34.63 -22.02 -9.04
N CYS A 49 34.15 -21.08 -8.21
CA CYS A 49 32.80 -20.65 -8.39
C CYS A 49 32.86 -19.29 -9.10
N ARG A 50 31.84 -19.04 -9.92
CA ARG A 50 31.71 -17.76 -10.62
C ARG A 50 30.27 -17.30 -10.74
N PHE A 51 30.07 -15.97 -10.67
CA PHE A 51 28.77 -15.37 -10.87
C PHE A 51 28.50 -15.44 -12.40
N TYR A 52 27.24 -15.48 -12.72
CA TYR A 52 26.68 -15.52 -14.07
C TYR A 52 25.59 -14.46 -14.12
N ALA A 53 25.07 -14.07 -15.25
CA ALA A 53 23.94 -13.21 -15.36
C ALA A 53 23.81 -13.06 -16.84
N LEU A 54 22.61 -12.59 -17.27
CA LEU A 54 22.33 -12.23 -18.63
C LEU A 54 22.86 -10.81 -18.93
N SER A 55 23.70 -10.56 -19.94
CA SER A 55 24.22 -9.22 -20.27
C SER A 55 23.18 -8.45 -21.08
N GLN A 56 23.33 -7.16 -21.33
CA GLN A 56 22.44 -6.41 -22.18
C GLN A 56 23.27 -5.66 -23.22
N GLY A 57 24.48 -6.13 -23.49
CA GLY A 57 25.34 -5.58 -24.52
C GLY A 57 25.63 -4.10 -24.45
N THR A 58 25.89 -3.53 -23.32
CA THR A 58 26.10 -2.11 -23.19
C THR A 58 26.64 -1.97 -21.79
N THR A 59 27.33 -0.91 -21.46
CA THR A 59 27.83 -0.66 -20.15
C THR A 59 26.81 0.10 -19.32
N ILE A 60 26.81 0.14 -17.97
CA ILE A 60 25.92 1.02 -17.21
C ILE A 60 26.01 2.44 -17.79
N ARG A 61 27.20 3.04 -17.87
CA ARG A 61 27.29 4.43 -18.27
C ARG A 61 27.19 4.73 -19.75
N GLY A 62 27.39 3.80 -20.65
CA GLY A 62 27.16 4.12 -22.05
C GLY A 62 25.68 4.30 -22.50
N LYS A 63 25.46 5.14 -23.51
CA LYS A 63 24.16 5.54 -24.03
C LYS A 63 23.11 4.50 -24.44
N HIS A 64 23.56 3.27 -24.61
CA HIS A 64 22.70 2.20 -25.09
C HIS A 64 22.14 1.42 -23.93
N SER A 65 22.36 1.90 -22.73
CA SER A 65 21.88 1.27 -21.55
C SER A 65 20.51 1.81 -21.31
N ASN A 66 20.16 2.85 -22.08
CA ASN A 66 18.86 3.43 -21.92
C ASN A 66 17.86 2.36 -22.38
N GLY A 67 16.94 1.86 -21.53
CA GLY A 67 15.98 0.82 -21.92
C GLY A 67 16.38 -0.64 -21.72
N THR A 68 17.25 -0.94 -20.80
CA THR A 68 17.68 -2.33 -20.51
C THR A 68 16.72 -3.19 -19.60
N ILE A 69 15.58 -2.50 -19.45
CA ILE A 69 14.43 -2.98 -18.74
C ILE A 69 13.73 -4.01 -19.60
N HIS A 70 13.91 -3.91 -20.93
CA HIS A 70 13.42 -4.90 -21.86
C HIS A 70 14.27 -6.13 -21.73
N ASP A 71 13.54 -7.12 -21.22
CA ASP A 71 13.91 -8.49 -20.92
C ASP A 71 14.61 -9.20 -22.02
N ARG A 72 14.03 -8.99 -23.20
CA ARG A 72 14.46 -9.70 -24.39
C ARG A 72 14.89 -8.88 -25.60
N SER A 73 16.09 -9.17 -26.08
CA SER A 73 16.65 -8.42 -27.20
C SER A 73 17.61 -9.40 -27.82
N GLN A 74 17.99 -9.25 -29.09
CA GLN A 74 19.07 -10.12 -29.59
C GLN A 74 20.46 -9.58 -29.22
N TYR A 75 20.61 -8.89 -28.05
CA TYR A 75 21.90 -8.37 -27.61
C TYR A 75 22.32 -8.91 -26.21
N ARG A 76 21.72 -9.99 -25.73
CA ARG A 76 21.97 -10.55 -24.38
C ARG A 76 22.67 -11.91 -24.41
N ALA A 77 23.75 -12.07 -23.66
CA ALA A 77 24.38 -13.38 -23.52
C ALA A 77 24.50 -13.81 -22.09
N LEU A 78 24.84 -15.05 -21.90
CA LEU A 78 25.03 -15.56 -20.59
C LEU A 78 26.52 -15.38 -20.46
N ILE A 79 26.94 -14.62 -19.43
CA ILE A 79 28.36 -14.32 -19.20
C ILE A 79 28.81 -14.67 -17.77
N SER A 80 30.06 -15.02 -17.63
CA SER A 80 30.55 -15.33 -16.30
C SER A 80 31.71 -14.45 -16.05
N TRP A 81 32.07 -14.24 -14.80
CA TRP A 81 33.18 -13.39 -14.41
C TRP A 81 33.54 -13.93 -13.03
N PRO A 82 34.79 -13.79 -12.55
CA PRO A 82 35.21 -14.34 -11.27
C PRO A 82 34.42 -13.73 -10.15
N LEU A 83 34.41 -14.51 -9.06
CA LEU A 83 33.58 -14.24 -7.87
C LEU A 83 33.91 -12.86 -7.36
N SER A 84 32.84 -12.10 -7.21
CA SER A 84 32.92 -10.76 -6.65
C SER A 84 33.79 -9.73 -7.43
N SER A 85 34.03 -10.05 -8.68
CA SER A 85 34.56 -9.01 -9.56
C SER A 85 33.31 -8.48 -10.23
N PRO A 86 33.23 -7.29 -10.80
CA PRO A 86 32.13 -6.92 -11.65
C PRO A 86 32.12 -7.64 -12.98
N PRO A 87 30.94 -7.88 -13.58
CA PRO A 87 30.85 -8.21 -14.99
C PRO A 87 31.31 -6.98 -15.74
N THR A 88 32.55 -7.00 -16.19
CA THR A 88 33.11 -5.82 -16.78
C THR A 88 33.32 -6.15 -18.20
N VAL A 89 33.46 -5.22 -19.13
CA VAL A 89 33.65 -5.58 -20.54
C VAL A 89 34.85 -6.48 -20.79
N TYR A 90 35.85 -6.39 -19.88
CA TYR A 90 37.15 -7.01 -20.11
C TYR A 90 37.39 -8.26 -19.29
N ASN A 91 36.62 -8.58 -18.21
CA ASN A 91 36.92 -9.83 -17.54
C ASN A 91 35.87 -10.93 -17.73
N SER A 92 34.73 -10.50 -18.29
CA SER A 92 33.54 -11.30 -18.58
C SER A 92 33.72 -12.25 -19.75
N ARG A 93 33.49 -13.55 -19.56
CA ARG A 93 33.55 -14.58 -20.60
C ARG A 93 32.16 -14.87 -21.18
N VAL A 94 31.99 -14.98 -22.47
CA VAL A 94 30.66 -15.31 -22.95
C VAL A 94 30.48 -16.81 -23.10
N GLU A 95 29.35 -17.23 -22.58
CA GLU A 95 28.95 -18.61 -22.59
C GLU A 95 28.09 -18.99 -23.78
N CYS A 96 27.02 -18.28 -24.19
CA CYS A 96 26.14 -18.62 -25.31
C CYS A 96 25.09 -17.52 -25.53
N ILE A 97 24.43 -17.33 -26.70
CA ILE A 97 23.61 -16.11 -26.88
C ILE A 97 22.17 -16.36 -26.58
N GLY A 98 21.39 -15.33 -26.32
CA GLY A 98 19.97 -15.43 -25.98
C GLY A 98 19.54 -14.94 -24.58
N TRP A 99 18.22 -14.94 -24.37
CA TRP A 99 17.63 -14.32 -23.20
C TRP A 99 17.10 -15.12 -21.99
N SER A 100 17.42 -16.39 -21.84
CA SER A 100 17.06 -17.16 -20.67
C SER A 100 18.03 -18.30 -20.61
N SER A 101 18.64 -18.56 -19.48
CA SER A 101 19.63 -19.60 -19.51
C SER A 101 19.54 -20.51 -18.32
N THR A 102 20.54 -21.32 -18.15
CA THR A 102 20.62 -22.21 -17.03
C THR A 102 21.90 -22.88 -17.43
N SER A 103 22.77 -23.13 -16.46
CA SER A 103 24.02 -23.76 -16.73
C SER A 103 24.39 -24.61 -15.53
N CYS A 104 25.08 -25.76 -15.72
CA CYS A 104 25.64 -26.51 -14.59
C CYS A 104 26.76 -27.45 -15.01
N HIS A 105 27.58 -27.90 -14.11
CA HIS A 105 28.81 -28.57 -14.48
C HIS A 105 28.67 -30.08 -14.25
N ASP A 106 28.92 -31.13 -15.07
CA ASP A 106 28.53 -32.49 -14.70
C ASP A 106 29.51 -33.36 -14.00
N GLY A 107 30.54 -32.68 -13.52
CA GLY A 107 31.59 -33.41 -12.87
C GLY A 107 32.69 -33.31 -13.83
N LYS A 108 32.45 -33.64 -15.10
CA LYS A 108 33.49 -33.61 -16.10
C LYS A 108 33.63 -32.18 -16.58
N THR A 109 32.77 -31.61 -17.42
CA THR A 109 32.85 -30.25 -17.89
C THR A 109 31.47 -29.60 -17.65
N ARG A 110 31.17 -28.48 -18.28
CA ARG A 110 29.94 -27.82 -18.00
C ARG A 110 29.03 -27.78 -19.19
N MET A 111 27.75 -27.73 -18.85
CA MET A 111 26.75 -27.57 -19.88
C MET A 111 26.30 -26.14 -19.69
N SER A 112 25.70 -25.54 -20.72
CA SER A 112 25.15 -24.21 -20.65
C SER A 112 24.06 -24.19 -21.69
N ILE A 113 22.88 -23.70 -21.33
CA ILE A 113 21.75 -23.66 -22.24
C ILE A 113 21.23 -22.26 -22.35
N CYS A 114 21.15 -21.85 -23.58
CA CYS A 114 20.70 -20.54 -23.95
C CYS A 114 19.46 -20.65 -24.86
N ILE A 115 18.51 -19.73 -24.62
CA ILE A 115 17.28 -19.73 -25.39
C ILE A 115 17.30 -18.38 -26.07
N SER A 116 16.76 -18.34 -27.29
CA SER A 116 16.91 -17.19 -28.17
C SER A 116 15.72 -16.97 -29.10
N GLY A 117 15.67 -15.88 -29.87
CA GLY A 117 14.70 -15.78 -30.93
C GLY A 117 13.60 -14.84 -30.50
N PRO A 118 12.65 -14.62 -31.42
CA PRO A 118 11.33 -14.01 -31.21
C PRO A 118 10.49 -14.85 -30.29
N ASN A 119 9.42 -14.33 -29.66
CA ASN A 119 8.57 -15.07 -28.75
C ASN A 119 7.90 -16.33 -29.36
N ASN A 120 7.56 -16.31 -30.64
CA ASN A 120 6.93 -17.46 -31.33
C ASN A 120 7.87 -18.19 -32.28
N ASN A 121 9.22 -18.04 -32.25
CA ASN A 121 10.16 -18.83 -33.03
C ASN A 121 11.53 -18.89 -32.32
N ALA A 122 11.36 -18.89 -30.99
CA ALA A 122 12.42 -19.02 -30.05
C ALA A 122 12.97 -20.43 -30.07
N SER A 123 14.23 -20.55 -29.67
CA SER A 123 14.96 -21.80 -29.73
C SER A 123 16.07 -22.01 -28.67
N ALA A 124 16.17 -23.18 -28.08
CA ALA A 124 17.18 -23.44 -27.10
C ALA A 124 18.41 -24.10 -27.66
N VAL A 125 19.66 -23.68 -27.38
CA VAL A 125 20.78 -24.49 -27.78
C VAL A 125 21.49 -24.85 -26.47
N ILE A 126 21.71 -26.14 -26.33
CA ILE A 126 22.37 -26.71 -25.19
C ILE A 126 23.80 -26.79 -25.65
N TRP A 127 24.66 -25.97 -25.05
CA TRP A 127 26.08 -26.04 -25.21
C TRP A 127 26.57 -26.96 -24.11
N TYR A 128 27.66 -27.70 -24.42
CA TYR A 128 28.37 -28.62 -23.51
C TYR A 128 29.82 -28.68 -23.96
N ASN A 129 30.65 -28.12 -23.06
CA ASN A 129 32.10 -28.05 -23.15
C ASN A 129 32.48 -27.18 -24.32
N ARG A 130 31.83 -26.06 -24.11
CA ARG A 130 31.83 -24.86 -24.92
C ARG A 130 31.80 -25.09 -26.43
N ARG A 131 30.99 -26.06 -26.78
CA ARG A 131 30.72 -26.41 -28.14
C ARG A 131 29.20 -26.60 -28.16
N PRO A 132 28.39 -26.24 -29.20
CA PRO A 132 26.97 -26.55 -29.24
C PRO A 132 26.80 -28.00 -29.62
N VAL A 133 25.87 -28.68 -28.98
CA VAL A 133 25.59 -30.08 -29.21
C VAL A 133 24.12 -30.39 -29.41
N THR A 134 23.18 -29.70 -28.79
CA THR A 134 21.79 -29.97 -29.10
C THR A 134 21.04 -28.65 -29.22
N GLU A 135 19.99 -28.70 -30.01
CA GLU A 135 19.12 -27.56 -30.17
C GLU A 135 17.67 -27.98 -29.84
N ILE A 136 16.76 -27.14 -29.32
CA ILE A 136 15.36 -27.52 -29.10
C ILE A 136 14.45 -26.38 -29.62
N ASN A 137 13.55 -26.64 -30.59
CA ASN A 137 12.58 -25.64 -31.01
C ASN A 137 11.44 -25.52 -29.99
N THR A 138 10.59 -24.51 -30.19
CA THR A 138 9.53 -24.25 -29.25
C THR A 138 8.47 -25.31 -29.42
N TRP A 139 7.91 -25.81 -28.33
CA TRP A 139 6.74 -26.68 -28.47
C TRP A 139 5.37 -26.02 -28.37
N ALA A 140 5.32 -24.73 -28.14
CA ALA A 140 4.09 -24.01 -27.93
C ALA A 140 4.21 -22.52 -28.32
N ARG A 141 5.31 -22.13 -28.97
CA ARG A 141 5.54 -20.78 -29.52
C ARG A 141 5.08 -19.58 -28.63
N ASN A 142 5.43 -19.59 -27.36
CA ASN A 142 5.23 -18.49 -26.49
C ASN A 142 6.25 -18.53 -25.37
N ILE A 143 7.26 -17.77 -25.75
CA ILE A 143 8.44 -17.41 -24.97
C ILE A 143 8.99 -18.49 -24.03
N LEU A 144 9.58 -19.40 -24.77
CA LEU A 144 10.25 -20.60 -24.32
C LEU A 144 11.30 -20.18 -23.29
N ARG A 145 11.25 -20.77 -22.10
CA ARG A 145 12.05 -20.26 -21.03
C ARG A 145 12.68 -21.30 -20.13
N THR A 146 13.88 -21.11 -19.58
CA THR A 146 14.41 -22.12 -18.71
C THR A 146 14.81 -21.58 -17.37
N GLN A 147 15.52 -22.28 -16.47
CA GLN A 147 15.78 -21.83 -15.09
C GLN A 147 16.26 -20.47 -14.60
N GLU A 148 17.11 -19.67 -15.24
CA GLU A 148 17.83 -18.51 -14.66
C GLU A 148 18.64 -18.73 -13.35
N SER A 149 19.23 -19.93 -13.17
CA SER A 149 20.10 -20.36 -12.07
C SER A 149 20.74 -21.69 -12.43
N GLU A 150 21.56 -22.18 -11.52
CA GLU A 150 22.35 -23.37 -11.68
C GLU A 150 21.42 -24.56 -11.84
N CYS A 151 21.61 -25.38 -12.87
CA CYS A 151 20.86 -26.64 -12.99
C CYS A 151 21.60 -27.72 -12.20
N VAL A 152 21.23 -28.97 -11.92
CA VAL A 152 22.06 -29.84 -11.06
C VAL A 152 22.27 -31.22 -11.71
N CYS A 153 23.47 -31.77 -11.65
CA CYS A 153 23.73 -33.07 -12.21
C CYS A 153 23.98 -34.23 -11.21
N HIS A 154 23.55 -35.42 -11.64
CA HIS A 154 23.88 -36.59 -10.91
C HIS A 154 24.31 -37.68 -11.91
N ASN A 155 25.45 -38.32 -11.72
CA ASN A 155 25.98 -39.42 -12.52
C ASN A 155 25.99 -39.19 -14.02
N GLY A 156 26.14 -37.91 -14.48
CA GLY A 156 26.16 -37.59 -15.88
C GLY A 156 24.84 -36.99 -16.31
N VAL A 157 23.76 -37.05 -15.46
CA VAL A 157 22.41 -36.52 -15.73
C VAL A 157 22.00 -35.25 -15.04
N CYS A 158 21.65 -34.28 -15.83
CA CYS A 158 21.34 -32.95 -15.36
C CYS A 158 19.96 -32.68 -15.90
N PRO A 159 18.96 -32.60 -15.01
CA PRO A 159 17.61 -32.11 -15.26
C PRO A 159 17.62 -30.62 -15.43
N VAL A 160 16.89 -30.19 -16.43
CA VAL A 160 16.62 -28.78 -16.70
C VAL A 160 15.08 -28.60 -16.74
N VAL A 161 14.42 -27.60 -16.11
CA VAL A 161 13.01 -27.41 -16.46
C VAL A 161 12.97 -26.15 -17.32
N PHE A 162 12.06 -26.29 -18.28
CA PHE A 162 11.72 -25.33 -19.32
C PHE A 162 10.23 -25.06 -19.22
N THR A 163 9.71 -24.00 -19.81
CA THR A 163 8.30 -23.68 -19.85
C THR A 163 8.06 -22.91 -21.13
N ASP A 164 7.00 -23.17 -21.87
CA ASP A 164 6.75 -22.44 -23.08
C ASP A 164 5.25 -22.48 -23.11
N GLY A 165 4.64 -21.34 -23.31
CA GLY A 165 3.20 -21.18 -23.13
C GLY A 165 3.05 -19.97 -22.21
N SER A 166 1.89 -19.58 -21.70
CA SER A 166 1.86 -18.29 -21.07
C SER A 166 1.98 -18.26 -19.56
N ALA A 167 2.45 -17.11 -19.06
CA ALA A 167 2.54 -16.95 -17.61
C ALA A 167 1.32 -16.21 -17.07
N THR A 168 0.21 -16.72 -17.50
CA THR A 168 -1.10 -16.19 -17.21
C THR A 168 -2.05 -17.38 -17.34
N GLY A 169 -1.75 -18.25 -18.30
CA GLY A 169 -2.51 -19.44 -18.54
C GLY A 169 -1.96 -20.61 -17.76
N PRO A 170 -2.57 -21.74 -18.11
CA PRO A 170 -1.87 -22.95 -18.47
C PRO A 170 -0.77 -22.69 -19.51
N ALA A 171 0.42 -23.17 -19.18
CA ALA A 171 1.58 -23.06 -20.06
C ALA A 171 2.10 -24.48 -20.21
N GLU A 172 2.96 -24.86 -21.12
CA GLU A 172 3.44 -26.22 -21.18
C GLU A 172 4.87 -26.37 -20.70
N THR A 173 5.05 -26.60 -19.39
CA THR A 173 6.35 -26.88 -18.78
C THR A 173 6.73 -28.31 -19.11
N ARG A 174 8.01 -28.56 -19.23
CA ARG A 174 8.54 -29.82 -19.67
C ARG A 174 9.97 -29.98 -19.04
N ILE A 175 10.18 -31.05 -18.26
CA ILE A 175 11.46 -31.38 -17.60
C ILE A 175 12.37 -32.13 -18.59
N TYR A 176 13.58 -31.71 -18.93
CA TYR A 176 14.45 -32.55 -19.76
C TYR A 176 15.57 -33.18 -18.91
N TYR A 177 16.07 -34.32 -19.37
CA TYR A 177 17.21 -34.95 -18.72
C TYR A 177 18.29 -34.99 -19.79
N PHE A 178 19.30 -34.18 -19.65
CA PHE A 178 20.39 -34.29 -20.58
C PHE A 178 21.45 -35.19 -19.96
N LYS A 179 22.33 -35.73 -20.81
CA LYS A 179 23.57 -36.35 -20.35
C LYS A 179 24.51 -35.94 -21.45
N GLU A 180 25.73 -35.55 -21.09
CA GLU A 180 26.76 -35.13 -22.04
C GLU A 180 26.21 -34.24 -23.15
N GLY A 181 25.14 -33.49 -22.88
CA GLY A 181 24.68 -32.62 -23.92
C GLY A 181 23.47 -33.14 -24.66
N LYS A 182 23.23 -34.47 -24.85
CA LYS A 182 22.11 -35.02 -25.65
C LYS A 182 20.78 -35.14 -24.84
N ILE A 183 19.66 -35.14 -25.58
CA ILE A 183 18.40 -35.42 -24.88
C ILE A 183 18.32 -36.92 -24.53
N LEU A 184 18.38 -37.21 -23.27
CA LEU A 184 18.24 -38.57 -22.79
C LEU A 184 16.74 -38.81 -22.80
N LYS A 185 16.00 -37.92 -22.17
CA LYS A 185 14.58 -38.15 -22.03
C LYS A 185 13.94 -36.81 -21.72
N TRP A 186 12.61 -36.79 -21.64
CA TRP A 186 11.93 -35.62 -21.15
C TRP A 186 10.54 -35.99 -20.68
N GLU A 187 9.94 -35.12 -19.89
CA GLU A 187 8.69 -35.40 -19.25
C GLU A 187 7.93 -34.13 -19.17
N PRO A 188 6.59 -34.19 -19.35
CA PRO A 188 5.59 -33.13 -19.11
C PRO A 188 5.29 -32.88 -17.65
N LEU A 189 4.79 -31.72 -17.19
CA LEU A 189 4.72 -31.55 -15.74
C LEU A 189 3.65 -32.38 -15.07
N ALA A 190 4.23 -33.21 -14.23
CA ALA A 190 3.51 -34.18 -13.49
C ALA A 190 3.43 -33.72 -12.04
N GLY A 191 2.25 -33.81 -11.45
CA GLY A 191 2.08 -33.48 -10.07
C GLY A 191 1.08 -32.35 -10.00
N THR A 192 0.91 -31.73 -8.84
CA THR A 192 -0.11 -30.73 -8.53
C THR A 192 0.05 -29.23 -8.89
N ALA A 193 1.21 -28.73 -9.27
CA ALA A 193 1.31 -27.32 -9.62
C ALA A 193 0.61 -26.96 -10.92
N LYS A 194 -0.02 -25.80 -10.84
CA LYS A 194 -0.81 -25.22 -11.90
C LYS A 194 0.00 -24.73 -13.08
N HIS A 195 1.13 -24.13 -12.77
CA HIS A 195 1.96 -23.50 -13.75
C HIS A 195 3.30 -23.51 -13.05
N ILE A 196 4.35 -23.59 -13.87
CA ILE A 196 5.68 -23.71 -13.33
C ILE A 196 6.48 -22.72 -14.13
N GLU A 197 7.11 -21.90 -13.36
CA GLU A 197 7.95 -20.98 -13.98
C GLU A 197 9.30 -20.93 -13.28
N GLU A 198 10.39 -20.78 -14.07
CA GLU A 198 11.68 -20.28 -13.55
C GLU A 198 12.32 -20.85 -12.25
N CYS A 199 12.63 -22.14 -12.19
CA CYS A 199 12.99 -22.74 -10.93
C CYS A 199 14.41 -22.50 -10.43
N SER A 200 14.66 -22.69 -9.15
CA SER A 200 16.03 -22.71 -8.77
C SER A 200 16.23 -24.08 -8.11
N CYS A 201 17.41 -24.73 -8.14
CA CYS A 201 17.45 -26.11 -7.68
C CYS A 201 18.57 -26.41 -6.75
N TYR A 202 18.70 -27.65 -6.28
CA TYR A 202 19.79 -28.05 -5.43
C TYR A 202 19.83 -29.55 -5.41
N GLY A 203 20.82 -30.17 -4.81
CA GLY A 203 20.87 -31.60 -4.80
C GLY A 203 21.37 -32.08 -3.44
N GLU A 204 20.80 -33.17 -2.94
CA GLU A 204 21.24 -33.80 -1.70
C GLU A 204 20.78 -35.22 -1.93
N ARG A 205 21.47 -36.17 -1.30
CA ARG A 205 21.12 -37.60 -1.30
C ARG A 205 20.47 -38.12 -2.57
N ALA A 206 21.12 -37.92 -3.72
CA ALA A 206 20.61 -38.39 -5.00
C ALA A 206 19.25 -37.92 -5.48
N GLU A 207 18.86 -36.74 -5.01
CA GLU A 207 17.60 -36.11 -5.28
C GLU A 207 17.90 -34.69 -5.74
N ILE A 208 17.28 -34.20 -6.83
CA ILE A 208 17.50 -32.83 -7.23
C ILE A 208 16.18 -32.19 -6.85
N THR A 209 16.20 -31.13 -6.04
CA THR A 209 14.95 -30.47 -5.62
C THR A 209 14.90 -29.08 -6.25
N CYS A 210 13.70 -28.57 -6.55
CA CYS A 210 13.54 -27.28 -7.18
C CYS A 210 12.35 -26.51 -6.55
N THR A 211 12.50 -25.19 -6.30
CA THR A 211 11.49 -24.25 -5.78
C THR A 211 11.26 -23.29 -6.94
N CYS A 212 10.05 -22.91 -7.28
CA CYS A 212 9.81 -22.22 -8.52
C CYS A 212 8.82 -21.07 -8.41
N ARG A 213 8.18 -20.62 -9.51
CA ARG A 213 7.30 -19.48 -9.52
C ARG A 213 5.90 -19.80 -9.99
N ASP A 214 4.84 -19.60 -9.23
CA ASP A 214 3.58 -19.88 -9.86
C ASP A 214 3.14 -18.52 -10.35
N ASN A 215 3.56 -18.13 -11.56
CA ASN A 215 3.21 -16.77 -11.99
C ASN A 215 1.72 -16.68 -12.32
N TRP A 216 1.04 -17.81 -12.54
CA TRP A 216 -0.38 -17.81 -12.86
C TRP A 216 -1.25 -17.40 -11.69
N GLN A 217 -1.56 -18.33 -10.81
CA GLN A 217 -2.48 -17.96 -9.74
C GLN A 217 -1.93 -18.29 -8.35
N GLY A 218 -0.62 -18.13 -8.02
CA GLY A 218 -0.06 -18.60 -6.76
C GLY A 218 0.93 -17.62 -6.16
N SER A 219 0.65 -17.50 -4.86
CA SER A 219 1.48 -16.76 -3.97
C SER A 219 2.24 -17.78 -3.12
N ASN A 220 1.98 -19.08 -3.28
CA ASN A 220 2.84 -20.04 -2.63
C ASN A 220 3.63 -20.56 -3.79
N ARG A 221 4.51 -21.50 -3.51
CA ARG A 221 5.54 -21.95 -4.42
C ARG A 221 5.51 -23.40 -4.86
N PRO A 222 5.31 -23.70 -6.16
CA PRO A 222 5.31 -25.07 -6.65
C PRO A 222 6.74 -25.59 -6.47
N VAL A 223 6.95 -26.83 -6.00
CA VAL A 223 8.28 -27.40 -5.78
C VAL A 223 8.34 -28.72 -6.54
N ILE A 224 9.44 -28.94 -7.27
CA ILE A 224 9.61 -30.12 -8.12
C ILE A 224 10.74 -30.98 -7.61
N ARG A 225 10.50 -32.27 -7.36
CA ARG A 225 11.58 -33.12 -6.86
C ARG A 225 11.78 -34.06 -8.03
N ILE A 226 13.06 -34.22 -8.35
CA ILE A 226 13.44 -35.02 -9.47
C ILE A 226 14.37 -36.11 -9.00
N ASP A 227 14.09 -37.32 -9.51
CA ASP A 227 14.97 -38.43 -9.29
C ASP A 227 15.74 -38.51 -10.58
N PRO A 228 17.04 -38.14 -10.48
CA PRO A 228 17.96 -38.11 -11.58
C PRO A 228 18.20 -39.48 -12.14
N VAL A 229 18.06 -40.53 -11.30
CA VAL A 229 18.31 -41.91 -11.73
C VAL A 229 17.09 -42.42 -12.41
N ALA A 230 15.91 -42.33 -11.82
CA ALA A 230 14.73 -42.89 -12.44
C ALA A 230 14.21 -42.09 -13.61
N MET A 231 14.72 -40.88 -13.63
CA MET A 231 14.42 -39.86 -14.58
C MET A 231 12.91 -39.73 -14.62
N THR A 232 12.53 -39.24 -13.45
CA THR A 232 11.16 -39.11 -13.11
C THR A 232 10.93 -38.03 -12.08
N HIS A 233 9.69 -37.53 -11.89
CA HIS A 233 9.45 -36.38 -10.99
C HIS A 233 8.09 -35.98 -10.44
N THR A 234 7.96 -35.36 -9.25
CA THR A 234 6.67 -34.74 -8.88
C THR A 234 6.70 -33.26 -8.66
N SER A 235 5.49 -32.69 -8.72
CA SER A 235 5.34 -31.30 -8.35
C SER A 235 4.38 -31.19 -7.14
N GLN A 236 4.46 -30.18 -6.30
CA GLN A 236 3.49 -29.97 -5.22
C GLN A 236 3.60 -28.55 -4.75
N TYR A 237 3.00 -28.09 -3.66
CA TYR A 237 3.29 -26.76 -3.22
C TYR A 237 3.93 -26.87 -1.85
N ILE A 238 4.46 -25.76 -1.37
CA ILE A 238 5.04 -25.64 -0.04
C ILE A 238 3.81 -25.45 0.79
N CYS A 239 3.68 -26.29 1.79
CA CYS A 239 2.51 -26.17 2.64
C CYS A 239 2.46 -24.90 3.51
N SER A 240 3.59 -24.50 4.11
CA SER A 240 3.66 -23.39 5.03
C SER A 240 2.95 -22.16 4.56
N PRO A 241 2.20 -21.61 5.53
CA PRO A 241 1.55 -20.30 5.41
C PRO A 241 2.52 -19.13 5.23
N VAL A 242 3.82 -19.32 5.43
CA VAL A 242 4.72 -18.21 5.33
C VAL A 242 4.85 -18.10 3.83
N LEU A 243 4.24 -17.15 3.13
CA LEU A 243 4.28 -17.18 1.66
C LEU A 243 5.58 -16.65 1.00
N THR A 244 6.33 -17.33 0.13
CA THR A 244 7.55 -16.66 -0.25
C THR A 244 7.57 -15.85 -1.54
N ASP A 245 6.62 -16.07 -2.48
CA ASP A 245 6.51 -15.33 -3.72
C ASP A 245 6.23 -13.85 -3.39
N ASN A 246 6.21 -12.93 -4.35
CA ASN A 246 5.98 -11.54 -4.05
C ASN A 246 5.64 -10.78 -5.33
N PRO A 247 4.49 -10.09 -5.50
CA PRO A 247 3.53 -9.71 -4.45
C PRO A 247 2.75 -10.82 -3.73
N ARG A 248 2.27 -10.43 -2.57
CA ARG A 248 1.82 -11.45 -1.67
C ARG A 248 0.54 -10.98 -1.00
N PRO A 249 -0.39 -11.83 -0.59
CA PRO A 249 -1.31 -11.52 0.48
C PRO A 249 -0.68 -11.64 1.86
N ASN A 250 -1.45 -11.31 2.92
CA ASN A 250 -0.92 -11.51 4.27
C ASN A 250 -0.69 -13.01 4.50
N ASP A 251 0.04 -13.44 5.51
CA ASP A 251 0.21 -14.87 5.60
C ASP A 251 -0.97 -15.52 6.35
N PRO A 252 -1.70 -16.50 5.79
CA PRO A 252 -2.64 -17.31 6.53
C PRO A 252 -2.13 -18.00 7.82
N THR A 253 -3.06 -18.58 8.56
CA THR A 253 -2.61 -19.46 9.60
C THR A 253 -2.49 -20.86 9.08
N VAL A 254 -3.10 -21.07 7.91
CA VAL A 254 -3.13 -22.37 7.32
C VAL A 254 -3.11 -22.22 5.82
N GLY A 255 -1.95 -22.52 5.27
CA GLY A 255 -1.77 -22.38 3.82
C GLY A 255 -2.22 -23.64 3.12
N LYS A 256 -1.97 -23.77 1.82
CA LYS A 256 -2.41 -24.95 1.08
C LYS A 256 -1.40 -25.62 0.19
N CYS A 257 -1.30 -26.91 0.51
CA CYS A 257 -0.35 -27.85 -0.07
C CYS A 257 -0.40 -28.30 -1.50
N ASN A 258 -1.62 -28.34 -1.97
CA ASN A 258 -1.83 -28.98 -3.23
C ASN A 258 -2.50 -28.19 -4.28
N ASP A 259 -2.78 -26.93 -3.92
CA ASP A 259 -3.29 -25.96 -4.85
C ASP A 259 -2.60 -24.62 -4.57
N PRO A 260 -2.46 -23.67 -5.52
CA PRO A 260 -2.10 -22.28 -5.30
C PRO A 260 -2.84 -21.56 -4.20
N TYR A 261 -2.11 -21.14 -3.19
CA TYR A 261 -2.68 -20.26 -2.21
C TYR A 261 -2.90 -18.97 -2.99
N PRO A 262 -4.12 -18.47 -2.94
CA PRO A 262 -4.59 -17.38 -3.79
C PRO A 262 -4.58 -16.03 -3.08
N GLY A 263 -4.67 -14.94 -3.85
CA GLY A 263 -4.65 -13.60 -3.30
C GLY A 263 -4.09 -12.69 -4.36
N ASN A 264 -2.90 -13.01 -4.85
CA ASN A 264 -2.32 -12.25 -5.95
C ASN A 264 -2.51 -12.91 -7.31
N ASN A 265 -2.53 -12.20 -8.44
CA ASN A 265 -2.73 -12.74 -9.80
C ASN A 265 -1.59 -12.29 -10.73
N ASN A 266 -1.30 -13.17 -11.71
CA ASN A 266 -0.27 -13.03 -12.74
C ASN A 266 0.89 -12.11 -12.43
N ASN A 267 1.69 -12.60 -11.51
CA ASN A 267 2.86 -11.87 -11.01
C ASN A 267 3.58 -12.86 -10.12
N GLY A 268 4.88 -12.68 -10.14
CA GLY A 268 5.77 -13.45 -9.28
C GLY A 268 7.13 -12.83 -9.16
N VAL A 269 8.09 -13.64 -8.75
CA VAL A 269 9.49 -13.28 -8.68
C VAL A 269 10.27 -14.55 -8.51
N LYS A 270 11.41 -14.76 -9.15
CA LYS A 270 12.13 -16.00 -8.96
C LYS A 270 12.63 -16.18 -7.52
N GLY A 271 12.46 -17.36 -6.87
CA GLY A 271 12.95 -17.48 -5.50
C GLY A 271 13.35 -18.88 -5.10
N PHE A 272 13.98 -19.14 -3.97
CA PHE A 272 14.41 -20.48 -3.65
C PHE A 272 13.92 -20.89 -2.28
N SER A 273 14.34 -22.09 -1.86
CA SER A 273 14.08 -22.63 -0.54
C SER A 273 14.90 -23.91 -0.42
N TYR A 274 15.37 -24.14 0.81
CA TYR A 274 15.94 -25.42 1.13
C TYR A 274 14.88 -26.14 1.97
N LEU A 275 14.40 -27.21 1.36
CA LEU A 275 13.41 -28.03 2.04
C LEU A 275 14.00 -29.28 2.72
N ASP A 276 14.47 -29.25 3.98
CA ASP A 276 15.05 -30.46 4.56
C ASP A 276 14.52 -30.92 5.96
N GLY A 277 13.21 -30.78 6.16
CA GLY A 277 12.59 -31.11 7.44
C GLY A 277 12.79 -30.05 8.51
N VAL A 278 13.08 -30.48 9.71
CA VAL A 278 13.40 -29.54 10.81
C VAL A 278 14.41 -28.45 10.38
N ASN A 279 15.23 -28.83 9.39
CA ASN A 279 16.22 -27.94 8.90
C ASN A 279 15.83 -27.46 7.52
N THR A 280 14.86 -26.61 7.53
CA THR A 280 14.30 -26.02 6.36
C THR A 280 14.49 -24.53 6.56
N TRP A 281 14.79 -23.90 5.41
CA TRP A 281 14.86 -22.46 5.36
C TRP A 281 14.27 -21.93 4.04
N LEU A 282 13.39 -20.93 4.18
CA LEU A 282 12.61 -20.26 3.15
C LEU A 282 13.07 -18.82 3.08
N GLY A 283 13.50 -18.41 1.88
CA GLY A 283 13.83 -17.02 1.62
C GLY A 283 12.60 -16.48 0.92
N ARG A 284 12.36 -15.17 1.21
CA ARG A 284 11.30 -14.27 0.70
C ARG A 284 11.59 -12.76 0.85
N THR A 285 11.04 -11.89 0.01
CA THR A 285 11.20 -10.43 0.14
C THR A 285 10.58 -9.89 1.44
N ILE A 286 11.00 -8.80 2.10
CA ILE A 286 10.32 -8.32 3.31
C ILE A 286 9.02 -7.63 2.91
N SER A 287 9.04 -7.08 1.68
CA SER A 287 7.86 -6.38 1.19
C SER A 287 6.93 -7.44 0.61
N ARG A 288 5.66 -7.22 0.95
CA ARG A 288 4.43 -7.88 0.60
C ARG A 288 4.12 -7.63 -0.87
N ALA A 289 4.35 -6.34 -1.24
CA ALA A 289 3.97 -5.59 -2.42
C ALA A 289 5.07 -5.48 -3.44
N SER A 290 6.34 -5.22 -3.12
CA SER A 290 7.46 -5.09 -4.06
C SER A 290 8.79 -5.68 -3.64
N ARG A 291 9.78 -5.66 -4.54
CA ARG A 291 11.05 -6.31 -4.32
C ARG A 291 11.93 -5.51 -3.37
N SER A 292 11.60 -5.48 -2.07
CA SER A 292 12.42 -4.84 -1.07
C SER A 292 12.86 -5.77 0.01
N GLY A 293 14.11 -5.75 0.42
CA GLY A 293 14.54 -6.64 1.46
C GLY A 293 14.55 -8.12 1.15
N TYR A 294 15.36 -8.82 1.93
CA TYR A 294 15.39 -10.24 1.78
C TYR A 294 15.58 -10.85 3.15
N GLU A 295 14.68 -11.80 3.52
CA GLU A 295 14.71 -12.45 4.82
C GLU A 295 14.88 -13.94 4.64
N MET A 296 15.58 -14.61 5.58
CA MET A 296 15.72 -16.05 5.51
C MET A 296 15.06 -16.45 6.77
N LEU A 297 14.12 -17.41 6.71
CA LEU A 297 13.46 -17.85 7.91
C LEU A 297 13.49 -19.35 7.99
N LYS A 298 13.86 -19.80 9.20
CA LYS A 298 13.73 -21.20 9.57
C LYS A 298 12.22 -21.42 9.82
N VAL A 299 11.55 -22.32 9.12
CA VAL A 299 10.14 -22.67 9.26
C VAL A 299 10.23 -24.18 9.33
N PRO A 300 10.40 -24.90 10.41
CA PRO A 300 10.65 -26.33 10.38
C PRO A 300 9.54 -27.08 9.66
N ASN A 301 9.86 -28.11 8.89
CA ASN A 301 8.88 -28.88 8.11
C ASN A 301 7.95 -28.07 7.19
N ALA A 302 8.42 -26.95 6.63
CA ALA A 302 7.56 -26.16 5.76
C ALA A 302 6.90 -26.83 4.54
N LEU A 303 7.56 -27.80 3.89
CA LEU A 303 7.00 -28.38 2.66
C LEU A 303 5.76 -29.17 2.98
N THR A 304 5.72 -29.86 4.13
CA THR A 304 4.61 -30.74 4.52
C THR A 304 3.56 -30.18 5.47
N ASP A 305 3.96 -29.61 6.59
CA ASP A 305 2.95 -29.17 7.53
C ASP A 305 2.25 -27.91 7.03
N ASP A 306 0.90 -28.01 6.90
CA ASP A 306 0.17 -26.89 6.37
C ASP A 306 -0.08 -25.80 7.41
N LYS A 307 0.55 -25.88 8.61
CA LYS A 307 0.39 -24.88 9.63
C LYS A 307 1.71 -24.39 10.28
N SER A 308 2.76 -24.34 9.47
CA SER A 308 4.11 -24.03 9.92
C SER A 308 4.48 -22.58 9.95
N LYS A 309 5.23 -22.22 10.98
CA LYS A 309 5.64 -20.84 11.18
C LYS A 309 7.17 -20.66 11.34
N PRO A 310 7.84 -19.51 11.21
CA PRO A 310 9.25 -19.35 11.47
C PRO A 310 9.76 -19.76 12.84
N THR A 311 10.81 -20.53 13.10
CA THR A 311 11.32 -20.49 14.46
C THR A 311 12.61 -19.64 14.63
N GLN A 312 13.06 -18.82 13.66
CA GLN A 312 14.35 -18.13 13.66
C GLN A 312 14.45 -17.31 12.37
N GLY A 313 15.04 -16.11 12.36
CA GLY A 313 15.29 -15.41 11.09
C GLY A 313 16.72 -14.91 10.89
N GLN A 314 16.85 -14.22 9.76
CA GLN A 314 18.09 -13.61 9.31
C GLN A 314 17.83 -12.60 8.22
N THR A 315 18.07 -11.29 8.39
CA THR A 315 17.81 -10.38 7.28
C THR A 315 19.01 -10.21 6.37
N ILE A 316 18.79 -10.56 5.14
CA ILE A 316 19.85 -10.42 4.19
C ILE A 316 19.94 -8.98 3.73
N VAL A 317 18.81 -8.29 3.65
CA VAL A 317 18.87 -6.92 3.18
C VAL A 317 17.62 -6.26 3.67
N LEU A 318 17.77 -5.05 4.15
CA LEU A 318 16.70 -4.30 4.70
C LEU A 318 15.55 -3.95 3.78
N ASN A 319 14.33 -3.80 4.27
CA ASN A 319 13.18 -3.40 3.48
C ASN A 319 13.34 -2.03 2.87
N THR A 320 14.27 -1.26 3.40
CA THR A 320 14.48 0.06 2.87
C THR A 320 15.59 0.06 1.84
N ASP A 321 16.02 -1.12 1.38
CA ASP A 321 16.90 -1.26 0.24
C ASP A 321 16.08 -2.17 -0.65
N TRP A 322 16.60 -2.46 -1.84
CA TRP A 322 15.96 -3.20 -2.89
C TRP A 322 16.35 -4.65 -3.04
N SER A 323 15.50 -5.56 -3.48
CA SER A 323 15.97 -6.93 -3.66
C SER A 323 15.65 -7.24 -5.08
N GLY A 324 15.39 -8.51 -5.37
CA GLY A 324 15.01 -8.97 -6.68
C GLY A 324 15.06 -10.49 -6.69
N TYR A 325 15.48 -11.04 -7.83
CA TYR A 325 15.53 -12.47 -7.97
C TYR A 325 16.41 -13.13 -6.94
N SER A 326 16.16 -14.41 -6.76
CA SER A 326 16.96 -15.19 -5.88
C SER A 326 16.82 -16.65 -6.32
N GLY A 327 17.97 -17.27 -6.22
CA GLY A 327 18.09 -18.67 -6.54
C GLY A 327 19.25 -19.26 -5.77
N SER A 328 19.28 -20.57 -5.84
CA SER A 328 20.24 -21.30 -5.06
C SER A 328 21.33 -21.91 -5.94
N PHE A 329 22.38 -22.23 -5.20
CA PHE A 329 23.58 -22.87 -5.70
C PHE A 329 24.39 -23.50 -4.55
N MET A 330 25.32 -24.42 -4.78
CA MET A 330 26.06 -25.10 -3.75
C MET A 330 27.38 -25.43 -4.40
N ASP A 331 28.43 -25.40 -3.59
CA ASP A 331 29.70 -25.83 -4.07
C ASP A 331 29.74 -27.33 -4.03
N TYR A 332 29.04 -28.04 -4.88
CA TYR A 332 29.10 -29.51 -4.95
C TYR A 332 30.48 -30.17 -4.75
N TRP A 333 31.54 -29.49 -5.23
CA TRP A 333 32.85 -30.04 -5.09
C TRP A 333 33.44 -29.22 -3.98
N ALA A 334 33.45 -29.66 -2.74
CA ALA A 334 33.94 -28.88 -1.61
C ALA A 334 34.01 -29.89 -0.48
N GLU A 335 35.23 -29.96 0.02
CA GLU A 335 35.59 -31.01 0.95
C GLU A 335 34.79 -30.96 2.25
N GLY A 336 34.34 -32.13 2.66
CA GLY A 336 33.60 -32.19 3.90
C GLY A 336 32.65 -33.37 4.01
N GLU A 337 31.84 -33.38 5.07
CA GLU A 337 30.87 -34.39 5.34
C GLU A 337 29.53 -34.07 4.69
N CYS A 338 29.20 -32.77 4.53
CA CYS A 338 27.91 -32.32 4.02
C CYS A 338 27.97 -31.15 3.03
N TYR A 339 26.80 -30.66 2.60
CA TYR A 339 26.73 -29.61 1.60
C TYR A 339 26.43 -28.28 2.24
N ARG A 340 27.36 -27.34 2.02
CA ARG A 340 27.17 -25.97 2.51
C ARG A 340 26.19 -25.38 1.47
N ALA A 341 24.99 -25.06 1.95
CA ALA A 341 23.89 -24.51 1.17
C ALA A 341 24.04 -23.00 0.98
N CYS A 342 23.70 -22.49 -0.18
CA CYS A 342 23.99 -21.11 -0.46
C CYS A 342 22.92 -20.56 -1.36
N PHE A 343 22.88 -19.26 -1.47
CA PHE A 343 21.94 -18.60 -2.35
C PHE A 343 22.53 -17.24 -2.70
N TYR A 344 21.93 -16.66 -3.72
CA TYR A 344 22.23 -15.32 -4.18
C TYR A 344 20.93 -14.50 -4.12
N VAL A 345 21.12 -13.17 -4.14
CA VAL A 345 20.04 -12.18 -4.17
C VAL A 345 20.47 -11.12 -5.19
N GLU A 346 19.70 -10.93 -6.27
CA GLU A 346 19.83 -9.91 -7.31
C GLU A 346 19.43 -8.57 -6.71
N LEU A 347 20.28 -7.58 -6.66
CA LEU A 347 19.90 -6.29 -6.15
C LEU A 347 19.44 -5.42 -7.31
N ILE A 348 18.15 -5.13 -7.60
CA ILE A 348 17.82 -4.43 -8.87
C ILE A 348 17.72 -2.92 -8.71
N ARG A 349 18.23 -2.26 -9.73
CA ARG A 349 18.44 -0.85 -9.70
C ARG A 349 18.11 -0.28 -11.03
N GLY A 350 17.60 0.93 -10.84
CA GLY A 350 17.16 1.73 -11.94
C GLY A 350 15.66 1.59 -11.88
N ARG A 351 15.14 1.71 -13.10
CA ARG A 351 13.76 1.62 -13.45
C ARG A 351 13.21 0.26 -13.11
N PRO A 352 11.91 0.08 -12.82
CA PRO A 352 10.91 1.15 -12.95
C PRO A 352 10.73 2.04 -11.77
N LYS A 353 11.24 1.57 -10.63
CA LYS A 353 11.11 2.32 -9.40
C LYS A 353 12.01 3.53 -9.19
N GLU A 354 13.24 3.50 -9.66
CA GLU A 354 14.16 4.59 -9.42
C GLU A 354 14.28 5.21 -10.80
N ASP A 355 13.18 5.77 -11.29
CA ASP A 355 13.12 6.02 -12.72
C ASP A 355 13.96 7.16 -13.33
N LYS A 356 14.73 7.90 -12.51
CA LYS A 356 15.54 9.04 -12.89
C LYS A 356 16.71 8.74 -13.81
N VAL A 357 17.03 7.48 -13.84
CA VAL A 357 18.04 6.99 -14.73
C VAL A 357 17.22 6.18 -15.72
N TRP A 358 17.69 6.01 -16.92
CA TRP A 358 16.98 5.35 -17.99
C TRP A 358 17.29 3.88 -18.10
N TRP A 359 18.11 3.34 -17.21
CA TRP A 359 18.51 1.93 -17.23
C TRP A 359 17.97 1.09 -16.09
N THR A 360 18.18 -0.21 -16.23
CA THR A 360 17.94 -1.07 -15.10
C THR A 360 19.06 -2.10 -15.08
N SER A 361 19.82 -2.21 -13.99
CA SER A 361 20.80 -3.26 -13.82
C SER A 361 20.76 -3.71 -12.35
N ASN A 362 21.80 -4.39 -11.82
CA ASN A 362 21.76 -4.99 -10.51
C ASN A 362 23.12 -5.36 -9.89
N SER A 363 23.13 -5.98 -8.71
CA SER A 363 24.29 -6.50 -8.00
C SER A 363 23.99 -7.88 -7.51
N ILE A 364 25.01 -8.67 -7.33
CA ILE A 364 24.84 -9.88 -6.59
C ILE A 364 25.29 -9.45 -5.22
N VAL A 365 24.70 -10.22 -4.28
CA VAL A 365 24.92 -10.37 -2.84
C VAL A 365 24.87 -11.88 -2.66
N SER A 366 25.65 -12.60 -1.85
CA SER A 366 25.45 -14.03 -1.79
C SER A 366 25.88 -14.61 -0.44
N MET A 367 25.13 -15.54 0.18
CA MET A 367 25.47 -16.14 1.49
C MET A 367 25.50 -17.69 1.46
N CYS A 368 26.22 -18.35 2.40
CA CYS A 368 26.26 -19.80 2.51
C CYS A 368 26.06 -20.24 3.95
N SER A 369 25.66 -21.49 4.25
CA SER A 369 25.22 -21.92 5.58
C SER A 369 26.30 -22.06 6.63
N SER A 370 26.17 -21.33 7.69
CA SER A 370 27.09 -21.52 8.77
C SER A 370 26.40 -22.34 9.82
N THR A 371 27.04 -23.39 10.33
CA THR A 371 26.47 -24.10 11.46
C THR A 371 26.61 -23.29 12.74
N GLU A 372 27.58 -22.41 12.92
CA GLU A 372 27.61 -21.64 14.16
C GLU A 372 26.52 -20.59 14.05
N PHE A 373 26.00 -19.96 15.11
CA PHE A 373 24.99 -18.93 14.95
C PHE A 373 25.68 -17.62 14.92
N LEU A 374 25.96 -17.15 13.72
CA LEU A 374 26.67 -15.92 13.52
C LEU A 374 25.68 -14.76 13.54
N GLY A 375 26.25 -13.61 13.95
CA GLY A 375 25.58 -12.31 13.95
C GLY A 375 25.23 -11.97 12.53
N GLN A 376 24.36 -10.98 12.35
CA GLN A 376 23.84 -10.69 11.02
C GLN A 376 24.19 -9.34 10.49
N TRP A 377 24.36 -9.06 9.21
CA TRP A 377 24.53 -7.69 8.70
C TRP A 377 23.52 -7.72 7.57
N ASP A 378 23.24 -6.51 7.21
CA ASP A 378 22.29 -6.44 6.10
C ASP A 378 23.13 -5.85 4.94
N TRP A 379 22.95 -6.13 3.68
CA TRP A 379 23.85 -5.99 2.50
C TRP A 379 23.17 -5.33 1.29
N PRO A 380 23.21 -4.00 1.32
CA PRO A 380 22.76 -3.06 0.27
C PRO A 380 23.59 -3.08 -0.98
N ASP A 381 22.93 -2.95 -2.12
CA ASP A 381 23.62 -2.80 -3.40
C ASP A 381 24.64 -1.70 -3.15
N GLY A 382 24.08 -0.56 -2.76
CA GLY A 382 24.91 0.56 -2.36
C GLY A 382 24.99 1.79 -3.28
N ALA A 383 24.58 1.80 -4.51
CA ALA A 383 24.82 3.04 -5.29
C ALA A 383 23.77 4.13 -5.07
N LYS A 384 24.18 5.35 -5.35
CA LYS A 384 23.31 6.53 -5.22
C LYS A 384 22.86 6.94 -6.63
N ILE A 385 21.57 6.69 -6.92
CA ILE A 385 21.01 6.99 -8.26
C ILE A 385 21.25 8.43 -8.62
N GLU A 386 21.76 9.19 -7.69
CA GLU A 386 21.98 10.57 -8.00
C GLU A 386 23.35 10.84 -8.53
N TYR A 387 24.23 9.91 -8.56
CA TYR A 387 25.50 10.29 -9.16
C TYR A 387 25.56 9.89 -10.62
N PHE A 388 24.51 9.49 -11.16
CA PHE A 388 24.55 9.04 -12.54
C PHE A 388 23.85 10.02 -13.45
N LEU A 389 23.44 11.12 -12.79
CA LEU A 389 22.66 12.24 -13.38
C LEU A 389 23.60 13.40 -13.69
N ASP B 1 4.83 12.07 -14.83
CA ASP B 1 4.16 11.65 -13.63
C ASP B 1 2.97 10.99 -14.22
N ILE B 2 2.51 9.97 -13.49
CA ILE B 2 1.33 9.26 -13.94
C ILE B 2 0.18 10.11 -13.41
N VAL B 3 -0.98 10.06 -14.05
CA VAL B 3 -2.14 10.81 -13.61
C VAL B 3 -3.39 9.94 -13.53
N MET B 4 -3.62 9.70 -12.23
CA MET B 4 -4.84 9.03 -11.82
C MET B 4 -6.05 9.96 -11.90
N THR B 5 -6.94 9.55 -12.81
CA THR B 5 -8.19 10.21 -13.20
C THR B 5 -9.39 9.47 -12.67
N GLN B 6 -10.32 10.11 -11.99
CA GLN B 6 -11.52 9.41 -11.46
C GLN B 6 -12.78 10.12 -11.99
N SER B 7 -13.81 9.47 -12.45
CA SER B 7 -15.03 10.20 -12.78
C SER B 7 -16.00 9.06 -12.96
N PRO B 8 -17.13 9.04 -12.25
CA PRO B 8 -17.59 10.17 -11.42
C PRO B 8 -16.91 10.56 -10.10
N LYS B 9 -17.42 11.67 -9.55
CA LYS B 9 -16.98 12.40 -8.37
C LYS B 9 -17.96 12.27 -7.20
N PHE B 10 -19.10 11.66 -7.51
CA PHE B 10 -20.15 11.30 -6.56
C PHE B 10 -20.76 10.04 -7.23
N MET B 11 -21.25 9.14 -6.40
CA MET B 11 -21.82 7.90 -6.84
C MET B 11 -22.84 7.45 -5.81
N SER B 12 -23.95 6.84 -6.19
CA SER B 12 -24.86 6.38 -5.16
C SER B 12 -25.58 5.10 -5.49
N THR B 13 -25.73 4.30 -4.47
CA THR B 13 -26.52 3.08 -4.66
C THR B 13 -27.27 2.82 -3.41
N SER B 14 -28.20 1.90 -3.40
CA SER B 14 -28.84 1.60 -2.16
C SER B 14 -28.09 0.44 -1.53
N VAL B 15 -28.54 0.31 -0.28
CA VAL B 15 -28.19 -0.73 0.67
C VAL B 15 -28.25 -2.09 0.00
N GLY B 16 -27.23 -2.92 0.06
CA GLY B 16 -27.39 -4.22 -0.52
C GLY B 16 -27.04 -4.33 -2.00
N ASP B 17 -26.78 -3.22 -2.69
CA ASP B 17 -26.44 -3.28 -4.11
C ASP B 17 -24.97 -3.49 -4.40
N ARG B 18 -24.63 -3.19 -5.67
CA ARG B 18 -23.26 -3.14 -6.18
C ARG B 18 -22.99 -1.77 -6.73
N VAL B 19 -21.75 -1.39 -6.62
CA VAL B 19 -21.26 -0.16 -7.18
C VAL B 19 -19.81 -0.45 -7.58
N THR B 20 -19.42 0.33 -8.54
CA THR B 20 -18.23 0.11 -9.29
C THR B 20 -17.63 1.49 -9.44
N ILE B 21 -16.32 1.64 -9.40
CA ILE B 21 -15.77 2.98 -9.45
C ILE B 21 -14.45 2.93 -10.18
N THR B 22 -14.62 3.71 -11.19
CA THR B 22 -13.66 3.94 -12.23
C THR B 22 -12.44 4.78 -11.94
N CYS B 23 -11.26 4.17 -12.02
CA CYS B 23 -10.00 4.89 -11.86
C CYS B 23 -9.19 4.59 -13.11
N LYS B 24 -8.74 5.60 -13.82
CA LYS B 24 -7.89 5.33 -14.96
C LYS B 24 -6.64 6.14 -14.88
N ALA B 25 -5.65 5.86 -15.69
CA ALA B 25 -4.41 6.62 -15.61
C ALA B 25 -3.79 6.87 -16.99
N SER B 26 -2.73 7.66 -16.99
CA SER B 26 -2.05 8.09 -18.18
C SER B 26 -1.48 7.08 -19.13
N GLN B 27 -0.79 6.11 -18.54
CA GLN B 27 -0.09 5.09 -19.31
C GLN B 27 -0.30 3.73 -18.62
N ASP B 28 0.27 2.66 -19.17
CA ASP B 28 0.07 1.34 -18.58
C ASP B 28 0.88 1.20 -17.30
N VAL B 29 0.13 1.08 -16.21
CA VAL B 29 0.67 1.03 -14.86
C VAL B 29 0.72 -0.40 -14.32
N SER B 30 0.55 -1.37 -15.19
CA SER B 30 0.72 -2.78 -14.88
C SER B 30 0.07 -3.38 -13.60
N THR B 31 -1.22 -3.05 -13.47
CA THR B 31 -2.02 -3.45 -12.30
C THR B 31 -1.65 -2.80 -10.94
N ALA B 32 -0.59 -1.99 -10.92
CA ALA B 32 -0.12 -1.49 -9.67
C ALA B 32 -0.93 -0.27 -9.32
N VAL B 33 -2.14 -0.59 -8.84
CA VAL B 33 -3.11 0.36 -8.41
C VAL B 33 -3.46 -0.08 -6.99
N VAL B 34 -3.50 0.92 -6.13
CA VAL B 34 -3.91 0.80 -4.76
C VAL B 34 -5.26 1.49 -4.59
N TRP B 35 -6.10 0.95 -3.70
CA TRP B 35 -7.35 1.56 -3.30
C TRP B 35 -7.43 1.87 -1.84
N TYR B 36 -7.78 3.10 -1.58
CA TYR B 36 -8.01 3.45 -0.21
C TYR B 36 -9.44 3.86 -0.12
N GLN B 37 -9.83 3.91 1.14
CA GLN B 37 -11.15 4.33 1.50
C GLN B 37 -10.80 5.25 2.65
N GLN B 38 -11.47 6.40 2.72
CA GLN B 38 -11.26 7.36 3.77
C GLN B 38 -12.69 7.67 4.14
N LYS B 39 -13.10 7.26 5.35
CA LYS B 39 -14.43 7.58 5.84
C LYS B 39 -14.39 8.98 6.51
N PRO B 40 -15.48 9.80 6.51
CA PRO B 40 -15.47 11.19 6.99
C PRO B 40 -14.99 11.19 8.43
N GLY B 41 -13.93 12.00 8.59
CA GLY B 41 -13.20 12.16 9.85
C GLY B 41 -12.36 10.93 10.21
N GLN B 42 -11.56 10.42 9.29
CA GLN B 42 -10.76 9.23 9.53
C GLN B 42 -9.66 9.28 8.53
N SER B 43 -8.65 8.54 8.95
CA SER B 43 -7.46 8.28 8.20
C SER B 43 -7.98 7.52 6.96
N PRO B 44 -7.30 7.56 5.84
CA PRO B 44 -7.52 6.52 4.83
C PRO B 44 -7.17 5.14 5.39
N LYS B 45 -7.56 4.07 4.67
CA LYS B 45 -7.07 2.73 4.98
C LYS B 45 -6.86 2.01 3.65
N LEU B 46 -5.97 1.05 3.69
CA LEU B 46 -5.71 0.27 2.53
C LEU B 46 -6.71 -0.87 2.33
N LEU B 47 -7.42 -0.66 1.26
CA LEU B 47 -8.28 -1.67 0.77
C LEU B 47 -7.51 -2.72 -0.01
N ILE B 48 -6.80 -2.28 -1.04
CA ILE B 48 -6.41 -3.18 -2.14
C ILE B 48 -5.11 -2.70 -2.82
N TYR B 49 -4.16 -3.58 -3.11
CA TYR B 49 -2.99 -3.20 -3.89
C TYR B 49 -2.96 -4.16 -5.06
N TRP B 50 -2.12 -3.90 -6.08
CA TRP B 50 -2.06 -4.70 -7.31
C TRP B 50 -3.42 -5.00 -7.95
N ALA B 51 -4.21 -3.96 -7.77
CA ALA B 51 -5.59 -3.83 -8.16
C ALA B 51 -6.59 -4.87 -7.66
N SER B 52 -6.20 -5.95 -6.95
CA SER B 52 -7.00 -7.10 -6.56
C SER B 52 -6.65 -7.66 -5.19
N THR B 53 -5.49 -7.41 -4.59
CA THR B 53 -5.18 -8.06 -3.34
C THR B 53 -5.68 -7.23 -2.18
N ARG B 54 -6.69 -7.88 -1.59
CA ARG B 54 -7.36 -7.37 -0.43
C ARG B 54 -6.35 -7.35 0.71
N HIS B 55 -6.35 -6.28 1.46
CA HIS B 55 -5.41 -6.13 2.59
C HIS B 55 -5.98 -6.82 3.81
N ILE B 56 -5.16 -7.08 4.82
CA ILE B 56 -5.64 -7.73 6.01
C ILE B 56 -6.86 -6.97 6.56
N GLY B 57 -7.83 -7.89 6.62
CA GLY B 57 -9.12 -7.60 7.19
C GLY B 57 -10.05 -6.82 6.27
N VAL B 58 -9.78 -6.54 4.97
CA VAL B 58 -10.90 -5.97 4.25
C VAL B 58 -11.61 -7.22 3.72
N PRO B 59 -12.94 -7.25 3.96
CA PRO B 59 -13.87 -8.33 3.56
C PRO B 59 -13.94 -8.57 2.08
N ASP B 60 -14.20 -9.86 1.77
CA ASP B 60 -14.50 -10.40 0.46
C ASP B 60 -15.31 -9.47 -0.45
N ARG B 61 -16.21 -8.69 0.15
CA ARG B 61 -17.11 -7.83 -0.64
C ARG B 61 -16.58 -6.61 -1.35
N PHE B 62 -15.27 -6.43 -1.29
CA PHE B 62 -14.62 -5.34 -1.97
C PHE B 62 -13.70 -6.05 -2.93
N ALA B 63 -13.97 -5.90 -4.20
CA ALA B 63 -13.20 -6.65 -5.16
C ALA B 63 -12.42 -5.72 -6.04
N GLY B 64 -11.23 -6.24 -6.24
CA GLY B 64 -10.38 -5.56 -7.14
C GLY B 64 -10.42 -6.05 -8.58
N SER B 65 -10.32 -5.10 -9.54
CA SER B 65 -10.28 -5.34 -10.97
C SER B 65 -9.51 -4.26 -11.78
N GLY B 66 -8.93 -4.64 -12.93
CA GLY B 66 -8.23 -3.72 -13.81
C GLY B 66 -7.12 -4.36 -14.65
N SER B 67 -6.41 -3.47 -15.35
CA SER B 67 -5.33 -3.76 -16.29
C SER B 67 -4.93 -2.43 -16.98
N GLY B 68 -3.90 -2.45 -17.84
CA GLY B 68 -3.37 -1.31 -18.59
C GLY B 68 -3.43 0.02 -17.85
N THR B 69 -4.30 0.88 -18.37
CA THR B 69 -4.60 2.17 -17.79
C THR B 69 -5.83 2.18 -16.91
N ASP B 70 -6.58 1.09 -16.95
CA ASP B 70 -7.95 1.08 -16.51
C ASP B 70 -8.41 0.18 -15.38
N TYR B 71 -8.85 0.83 -14.32
CA TYR B 71 -9.13 0.11 -13.10
C TYR B 71 -10.50 0.34 -12.47
N THR B 72 -11.06 -0.64 -11.78
CA THR B 72 -12.34 -0.40 -11.18
C THR B 72 -12.49 -1.10 -9.83
N LEU B 73 -12.76 -0.42 -8.70
CA LEU B 73 -13.05 -1.04 -7.39
C LEU B 73 -14.53 -1.36 -7.46
N THR B 74 -14.98 -2.55 -7.08
CA THR B 74 -16.41 -2.88 -7.06
C THR B 74 -16.72 -3.13 -5.59
N ILE B 75 -17.75 -2.57 -5.03
CA ILE B 75 -18.17 -2.94 -3.70
C ILE B 75 -19.46 -3.75 -3.95
N SER B 76 -19.81 -4.75 -3.14
CA SER B 76 -21.11 -5.46 -3.19
C SER B 76 -21.83 -5.32 -1.80
N SER B 77 -23.14 -5.58 -1.69
CA SER B 77 -23.87 -5.50 -0.43
C SER B 77 -23.69 -4.19 0.32
N VAL B 78 -23.76 -3.09 -0.45
CA VAL B 78 -23.46 -1.78 0.09
C VAL B 78 -24.15 -1.56 1.41
N GLN B 79 -23.35 -1.64 2.45
CA GLN B 79 -23.76 -1.39 3.81
C GLN B 79 -23.94 0.08 3.99
N ALA B 80 -24.65 0.41 5.03
CA ALA B 80 -24.75 1.78 5.46
C ALA B 80 -23.35 2.34 5.81
N GLU B 81 -22.41 1.58 6.38
CA GLU B 81 -21.11 2.11 6.70
C GLU B 81 -20.17 2.24 5.52
N ASP B 82 -20.63 2.13 4.28
CA ASP B 82 -19.65 2.23 3.21
C ASP B 82 -19.60 3.63 2.64
N LEU B 83 -20.40 4.63 3.08
CA LEU B 83 -20.27 6.01 2.56
C LEU B 83 -18.92 6.40 3.11
N ALA B 84 -18.12 6.93 2.15
CA ALA B 84 -16.74 7.40 2.28
C ALA B 84 -16.18 7.88 0.92
N LEU B 85 -15.00 8.45 0.85
CA LEU B 85 -14.40 8.71 -0.45
C LEU B 85 -13.49 7.55 -0.78
N TYR B 86 -13.53 7.08 -2.01
CA TYR B 86 -12.63 6.02 -2.40
C TYR B 86 -11.48 6.61 -3.15
N TYR B 87 -10.22 6.28 -2.98
CA TYR B 87 -9.17 6.96 -3.73
C TYR B 87 -8.30 5.94 -4.47
N CYS B 88 -7.92 6.11 -5.73
CA CYS B 88 -7.01 5.13 -6.33
C CYS B 88 -5.61 5.68 -6.31
N GLN B 89 -4.54 4.93 -6.55
CA GLN B 89 -3.19 5.48 -6.48
C GLN B 89 -2.26 4.55 -7.19
N GLN B 90 -1.45 5.19 -8.02
CA GLN B 90 -0.59 4.47 -8.90
C GLN B 90 0.53 3.97 -8.05
N HIS B 91 1.13 2.80 -8.30
CA HIS B 91 2.34 2.47 -7.54
C HIS B 91 3.37 1.71 -8.35
N TYR B 92 3.32 2.08 -9.64
CA TYR B 92 4.21 1.61 -10.68
C TYR B 92 5.49 2.46 -10.74
N SER B 93 5.46 3.78 -10.67
CA SER B 93 6.67 4.58 -10.74
C SER B 93 6.50 5.68 -9.74
N PRO B 94 7.51 6.25 -9.11
CA PRO B 94 7.36 7.49 -8.38
C PRO B 94 7.04 8.66 -9.32
N PRO B 95 6.55 9.78 -8.79
CA PRO B 95 5.73 9.85 -7.60
C PRO B 95 4.35 9.33 -7.86
N TRP B 96 4.01 8.72 -6.73
CA TRP B 96 2.75 8.01 -6.55
C TRP B 96 1.68 9.09 -6.53
N THR B 97 0.88 8.91 -7.57
CA THR B 97 -0.15 9.85 -7.84
C THR B 97 -1.51 9.24 -7.53
N PHE B 98 -2.33 10.02 -6.86
CA PHE B 98 -3.60 9.55 -6.41
C PHE B 98 -4.68 10.10 -7.30
N GLY B 99 -5.79 9.40 -7.42
CA GLY B 99 -6.96 9.99 -8.06
C GLY B 99 -7.49 11.10 -7.15
N GLY B 100 -8.55 11.76 -7.55
CA GLY B 100 -9.11 12.85 -6.76
C GLY B 100 -10.19 12.34 -5.82
N GLY B 101 -10.36 11.05 -5.53
CA GLY B 101 -11.47 10.56 -4.68
C GLY B 101 -12.85 10.41 -5.39
N THR B 102 -13.76 9.61 -4.84
CA THR B 102 -15.13 9.58 -5.30
C THR B 102 -16.05 9.34 -4.09
N LYS B 103 -17.04 10.17 -3.89
CA LYS B 103 -17.99 10.04 -2.81
C LYS B 103 -18.96 8.92 -3.11
N LEU B 104 -19.14 8.00 -2.19
CA LEU B 104 -20.20 7.03 -2.31
C LEU B 104 -21.40 7.41 -1.41
N GLU B 105 -22.49 7.95 -1.95
CA GLU B 105 -23.69 8.22 -1.17
C GLU B 105 -24.54 6.96 -1.23
N ILE B 106 -25.21 6.67 -0.16
CA ILE B 106 -26.06 5.53 -0.19
C ILE B 106 -27.38 6.21 -0.39
N LYS B 107 -27.99 5.82 -1.51
CA LYS B 107 -29.34 6.15 -1.93
C LYS B 107 -30.26 5.39 -1.00
N ARG B 108 -31.10 6.21 -0.42
CA ARG B 108 -32.02 5.78 0.62
C ARG B 108 -33.40 6.00 0.04
N ALA B 109 -34.37 5.73 0.92
CA ALA B 109 -35.77 6.06 0.64
C ALA B 109 -36.04 7.48 1.09
N ASP B 110 -37.09 8.11 0.59
CA ASP B 110 -37.39 9.47 0.95
C ASP B 110 -37.79 9.64 2.42
N ALA B 111 -37.48 10.82 2.98
CA ALA B 111 -37.70 11.20 4.40
C ALA B 111 -37.88 12.69 4.51
N ALA B 112 -38.99 13.10 5.11
CA ALA B 112 -39.28 14.52 5.24
C ALA B 112 -38.49 15.12 6.38
N PRO B 113 -38.03 16.37 6.19
CA PRO B 113 -37.25 17.06 7.19
C PRO B 113 -38.07 17.37 8.44
N THR B 114 -37.53 17.02 9.60
CA THR B 114 -38.07 17.44 10.89
C THR B 114 -37.40 18.80 11.21
N VAL B 115 -38.19 19.89 11.12
CA VAL B 115 -37.73 21.27 11.28
C VAL B 115 -38.00 21.87 12.65
N SER B 116 -37.17 22.72 13.24
CA SER B 116 -37.46 23.31 14.54
C SER B 116 -36.97 24.75 14.60
N ILE B 117 -37.77 25.82 14.78
CA ILE B 117 -37.25 27.21 14.89
C ILE B 117 -36.84 27.59 16.35
N PHE B 118 -35.90 28.49 16.59
CA PHE B 118 -35.40 28.80 17.92
C PHE B 118 -35.20 30.27 18.19
N PRO B 119 -35.73 30.82 19.28
CA PRO B 119 -35.63 32.22 19.64
C PRO B 119 -34.22 32.65 20.05
N PRO B 120 -33.81 33.90 19.84
CA PRO B 120 -32.61 34.48 20.44
C PRO B 120 -32.58 34.31 21.92
N SER B 121 -31.43 33.86 22.37
CA SER B 121 -31.24 33.61 23.79
C SER B 121 -31.15 34.89 24.62
N SER B 122 -31.98 35.13 25.62
CA SER B 122 -31.89 36.33 26.46
C SER B 122 -30.45 36.69 26.83
N GLU B 123 -29.62 35.65 27.04
CA GLU B 123 -28.19 35.80 27.22
C GLU B 123 -27.57 36.55 26.05
N GLN B 124 -27.74 36.14 24.78
CA GLN B 124 -27.16 36.95 23.72
C GLN B 124 -27.90 38.26 23.53
N LEU B 125 -29.10 38.38 24.09
CA LEU B 125 -29.83 39.61 23.94
C LEU B 125 -29.26 40.68 24.86
N THR B 126 -28.63 40.28 25.96
CA THR B 126 -27.97 41.28 26.78
C THR B 126 -26.68 41.68 26.09
N SER B 127 -26.16 40.77 25.28
CA SER B 127 -24.99 41.07 24.47
C SER B 127 -25.34 41.99 23.31
N GLY B 128 -26.62 42.32 23.06
CA GLY B 128 -26.95 43.18 21.94
C GLY B 128 -27.04 42.41 20.61
N GLY B 129 -27.00 41.07 20.57
CA GLY B 129 -27.10 40.30 19.33
C GLY B 129 -28.31 39.34 19.37
N ALA B 130 -28.83 38.97 18.21
CA ALA B 130 -30.02 38.13 18.14
C ALA B 130 -29.81 37.09 17.07
N SER B 131 -29.86 35.79 17.32
CA SER B 131 -29.75 34.86 16.22
C SER B 131 -30.96 33.97 16.26
N VAL B 132 -31.72 33.81 15.20
CA VAL B 132 -32.80 32.86 15.26
C VAL B 132 -32.31 31.63 14.50
N VAL B 133 -32.09 30.53 15.20
CA VAL B 133 -31.63 29.27 14.64
C VAL B 133 -32.81 28.41 14.18
N CYS B 134 -32.71 27.67 13.10
CA CYS B 134 -33.78 26.79 12.67
C CYS B 134 -33.00 25.48 12.48
N PHE B 135 -33.44 24.29 12.89
CA PHE B 135 -32.72 23.08 12.50
C PHE B 135 -33.59 22.42 11.45
N LEU B 136 -33.08 21.86 10.38
CA LEU B 136 -33.94 21.07 9.50
C LEU B 136 -33.11 19.77 9.56
N ASN B 137 -33.75 18.76 10.14
CA ASN B 137 -33.08 17.59 10.72
C ASN B 137 -33.56 16.29 10.14
N ASN B 138 -32.66 15.40 9.77
CA ASN B 138 -33.05 14.06 9.26
C ASN B 138 -33.82 13.91 7.98
N PHE B 139 -33.62 14.80 7.00
CA PHE B 139 -34.30 14.72 5.70
C PHE B 139 -33.55 13.78 4.79
N TYR B 140 -34.24 13.37 3.72
CA TYR B 140 -33.64 12.62 2.62
C TYR B 140 -34.53 12.97 1.44
N PRO B 141 -34.08 13.50 0.30
CA PRO B 141 -32.68 13.53 -0.10
C PRO B 141 -31.94 14.79 0.33
N LYS B 142 -30.66 14.93 -0.11
CA LYS B 142 -29.85 16.08 0.25
C LYS B 142 -30.39 17.47 -0.11
N ASP B 143 -31.45 17.54 -0.92
CA ASP B 143 -32.01 18.76 -1.46
C ASP B 143 -33.01 19.45 -0.58
N ILE B 144 -32.51 20.38 0.23
CA ILE B 144 -33.35 21.26 1.05
C ILE B 144 -33.17 22.70 0.55
N ASN B 145 -34.12 23.57 0.87
CA ASN B 145 -34.07 24.98 0.48
C ASN B 145 -34.72 25.75 1.62
N VAL B 146 -33.91 26.64 2.19
CA VAL B 146 -34.24 27.26 3.44
C VAL B 146 -34.22 28.77 3.41
N LYS B 147 -35.41 29.34 3.36
CA LYS B 147 -35.56 30.79 3.37
C LYS B 147 -36.09 31.28 4.70
N TRP B 148 -35.71 32.49 5.05
CA TRP B 148 -36.28 33.16 6.21
C TRP B 148 -37.14 34.26 5.62
N LYS B 149 -38.19 34.65 6.32
CA LYS B 149 -39.13 35.68 5.93
C LYS B 149 -39.43 36.40 7.24
N ILE B 150 -38.69 37.49 7.52
CA ILE B 150 -38.93 38.27 8.73
C ILE B 150 -40.07 39.18 8.31
N ASP B 151 -41.13 39.02 9.12
CA ASP B 151 -42.36 39.77 8.91
C ASP B 151 -42.93 39.70 7.48
N GLY B 152 -42.75 38.50 6.95
CA GLY B 152 -43.32 38.14 5.67
C GLY B 152 -42.44 38.52 4.49
N SER B 153 -41.18 38.88 4.74
CA SER B 153 -40.28 39.42 3.75
C SER B 153 -39.03 38.57 3.77
N GLU B 154 -38.70 38.01 2.61
CA GLU B 154 -37.55 37.14 2.38
C GLU B 154 -36.25 37.78 2.88
N ARG B 155 -35.85 37.50 4.10
CA ARG B 155 -34.63 38.10 4.59
C ARG B 155 -33.56 37.21 4.02
N GLN B 156 -32.74 37.72 3.12
CA GLN B 156 -31.74 36.84 2.57
C GLN B 156 -30.28 37.22 2.85
N ASN B 157 -30.06 38.10 3.80
CA ASN B 157 -28.70 38.33 4.27
C ASN B 157 -28.58 37.60 5.63
N GLY B 158 -27.53 37.81 6.47
CA GLY B 158 -27.34 37.30 7.85
C GLY B 158 -27.43 35.80 8.23
N VAL B 159 -27.93 35.01 7.30
CA VAL B 159 -28.11 33.60 7.46
C VAL B 159 -26.78 32.88 7.21
N LEU B 160 -26.54 31.74 7.84
CA LEU B 160 -25.38 30.90 7.60
C LEU B 160 -25.95 29.46 7.67
N ASN B 161 -25.83 28.74 6.58
CA ASN B 161 -26.25 27.35 6.59
C ASN B 161 -25.10 26.40 6.89
N SER B 162 -25.37 25.35 7.65
CA SER B 162 -24.36 24.36 7.92
C SER B 162 -25.08 23.07 7.66
N TRP B 163 -24.34 22.07 7.16
CA TRP B 163 -24.85 20.76 6.80
C TRP B 163 -23.99 19.65 7.35
N THR B 164 -24.81 18.69 7.72
CA THR B 164 -24.28 17.43 8.21
C THR B 164 -24.00 16.71 6.89
N ASP B 165 -23.02 15.79 6.97
CA ASP B 165 -22.73 14.89 5.86
C ASP B 165 -23.68 13.69 6.02
N GLN B 166 -23.72 12.69 5.15
CA GLN B 166 -24.69 11.61 5.27
C GLN B 166 -24.39 10.78 6.53
N ASP B 167 -25.50 10.43 7.18
CA ASP B 167 -25.39 9.58 8.36
C ASP B 167 -24.98 8.17 7.97
N SER B 168 -24.02 7.65 8.72
CA SER B 168 -23.48 6.31 8.62
C SER B 168 -24.56 5.29 8.88
N LYS B 169 -25.32 5.55 9.93
CA LYS B 169 -26.36 4.66 10.38
C LYS B 169 -27.65 4.75 9.60
N ASP B 170 -28.35 5.87 9.49
CA ASP B 170 -29.62 5.84 8.78
C ASP B 170 -29.73 6.52 7.44
N SER B 171 -28.57 6.88 6.92
CA SER B 171 -28.45 7.51 5.63
C SER B 171 -29.31 8.77 5.42
N THR B 172 -29.58 9.63 6.43
CA THR B 172 -30.28 10.89 6.23
C THR B 172 -29.32 12.08 6.12
N TYR B 173 -29.80 13.34 6.10
CA TYR B 173 -28.93 14.51 6.10
C TYR B 173 -29.56 15.52 7.03
N SER B 174 -28.85 16.34 7.78
CA SER B 174 -29.47 17.40 8.54
C SER B 174 -28.81 18.73 8.19
N MET B 175 -29.33 19.86 8.61
CA MET B 175 -28.88 21.16 8.21
C MET B 175 -29.28 22.15 9.31
N SER B 176 -28.58 23.27 9.39
CA SER B 176 -28.76 24.29 10.38
C SER B 176 -28.76 25.58 9.58
N SER B 177 -29.45 26.64 9.97
CA SER B 177 -29.49 27.85 9.19
C SER B 177 -29.50 28.85 10.30
N THR B 178 -28.40 29.42 10.73
CA THR B 178 -28.53 30.41 11.78
C THR B 178 -28.64 31.77 11.08
N LEU B 179 -29.55 32.65 11.54
CA LEU B 179 -29.73 33.99 11.01
C LEU B 179 -29.59 34.96 12.16
N THR B 180 -28.44 35.61 12.12
CA THR B 180 -28.06 36.57 13.12
C THR B 180 -28.58 37.95 12.69
N LEU B 181 -28.74 38.81 13.70
CA LEU B 181 -29.31 40.15 13.60
C LEU B 181 -28.71 40.88 14.79
N THR B 182 -29.10 42.14 14.97
CA THR B 182 -28.78 42.86 16.19
C THR B 182 -30.06 43.00 17.02
N LYS B 183 -29.90 43.29 18.31
CA LYS B 183 -31.02 43.41 19.21
C LYS B 183 -32.02 44.37 18.64
N ASP B 184 -31.72 45.65 18.40
CA ASP B 184 -32.71 46.58 17.86
C ASP B 184 -33.24 46.26 16.44
N GLU B 185 -32.65 45.24 15.81
CA GLU B 185 -33.18 44.75 14.56
C GLU B 185 -34.29 43.75 14.92
N TYR B 186 -33.94 42.81 15.80
CA TYR B 186 -34.81 41.74 16.28
C TYR B 186 -36.08 42.36 16.85
N GLU B 187 -35.90 43.22 17.88
CA GLU B 187 -36.90 43.98 18.62
C GLU B 187 -37.77 45.00 17.84
N ARG B 188 -37.53 45.08 16.54
CA ARG B 188 -38.29 45.92 15.63
C ARG B 188 -39.21 45.00 14.85
N HIS B 189 -38.90 43.71 14.86
CA HIS B 189 -39.77 42.79 14.18
C HIS B 189 -40.44 41.79 15.06
N ASN B 190 -41.36 41.06 14.45
CA ASN B 190 -42.20 40.18 15.24
C ASN B 190 -42.64 38.90 14.55
N SER B 191 -42.95 38.72 13.28
CA SER B 191 -43.02 37.36 12.77
C SER B 191 -41.62 36.96 12.29
N TYR B 192 -41.29 35.68 12.38
CA TYR B 192 -39.97 35.15 12.04
C TYR B 192 -40.40 33.77 11.63
N THR B 193 -40.08 33.51 10.39
CA THR B 193 -40.55 32.32 9.74
C THR B 193 -39.36 31.73 9.06
N CYS B 194 -39.16 30.44 9.28
CA CYS B 194 -38.19 29.63 8.54
C CYS B 194 -39.09 28.76 7.69
N GLU B 195 -38.76 28.71 6.43
CA GLU B 195 -39.56 28.00 5.47
C GLU B 195 -38.64 26.92 4.89
N ALA B 196 -39.17 25.85 4.28
CA ALA B 196 -38.33 24.81 3.70
C ALA B 196 -39.01 24.16 2.55
N THR B 197 -38.29 24.26 1.46
CA THR B 197 -38.73 23.67 0.21
C THR B 197 -38.04 22.30 0.20
N HIS B 198 -38.70 21.14 0.03
CA HIS B 198 -38.02 19.86 -0.05
C HIS B 198 -38.82 18.84 -0.87
N LYS B 199 -38.25 17.96 -1.68
CA LYS B 199 -39.00 16.92 -2.41
C LYS B 199 -40.10 16.12 -1.71
N THR B 200 -39.96 15.94 -0.40
CA THR B 200 -40.93 15.16 0.33
C THR B 200 -42.26 15.89 0.63
N SER B 201 -42.60 16.95 -0.13
CA SER B 201 -43.83 17.71 -0.04
C SER B 201 -43.78 18.79 -1.11
N THR B 202 -44.99 19.33 -1.23
CA THR B 202 -45.32 20.47 -2.05
C THR B 202 -45.40 21.68 -1.13
N SER B 203 -46.34 21.56 -0.20
CA SER B 203 -46.64 22.62 0.73
C SER B 203 -45.46 22.92 1.66
N PRO B 204 -44.83 24.09 1.54
CA PRO B 204 -43.54 24.34 2.19
C PRO B 204 -43.60 24.14 3.70
N ILE B 205 -42.62 23.40 4.22
CA ILE B 205 -42.54 23.16 5.64
C ILE B 205 -42.29 24.56 6.20
N VAL B 206 -42.92 24.92 7.32
CA VAL B 206 -42.73 26.27 7.84
C VAL B 206 -42.55 26.28 9.36
N LYS B 207 -41.45 26.71 9.96
CA LYS B 207 -41.41 26.80 11.40
C LYS B 207 -41.25 28.27 11.73
N SER B 208 -42.30 28.78 12.38
CA SER B 208 -42.50 30.20 12.64
C SER B 208 -42.71 30.58 14.09
N PHE B 209 -42.35 31.77 14.56
CA PHE B 209 -42.51 32.06 15.98
C PHE B 209 -42.63 33.53 16.35
N ASN B 210 -42.86 33.63 17.66
CA ASN B 210 -42.68 34.80 18.49
C ASN B 210 -42.98 34.19 19.86
N ARG B 211 -42.52 34.85 20.93
CA ARG B 211 -42.62 34.31 22.29
C ARG B 211 -44.03 34.41 22.89
N ASN B 212 -44.17 33.47 23.81
CA ASN B 212 -45.33 33.31 24.70
C ASN B 212 -45.01 32.09 25.53
N GLU B 213 -45.65 32.00 26.68
CA GLU B 213 -45.50 30.81 27.47
C GLU B 213 -46.27 29.63 26.86
N CYS B 214 -45.71 28.51 27.38
CA CYS B 214 -45.95 27.10 27.00
C CYS B 214 -46.14 26.24 28.27
N GLN C 1 -2.03 -3.09 16.40
CA GLN C 1 -1.14 -3.31 15.29
C GLN C 1 -0.24 -2.06 15.32
N ILE C 2 0.15 -1.52 14.16
CA ILE C 2 0.94 -0.32 14.08
C ILE C 2 -0.03 0.73 14.58
N GLN C 3 0.36 1.70 15.40
CA GLN C 3 -0.56 2.72 15.92
C GLN C 3 0.16 4.07 15.88
N LEU C 4 0.20 4.74 14.74
CA LEU C 4 0.87 6.02 14.68
C LEU C 4 -0.04 7.10 15.19
N VAL C 5 0.48 7.92 16.10
CA VAL C 5 -0.26 9.08 16.59
C VAL C 5 0.50 10.31 16.12
N GLN C 6 -0.22 11.39 15.93
CA GLN C 6 0.35 12.62 15.39
C GLN C 6 0.05 13.69 16.40
N SER C 7 0.81 14.81 16.37
CA SER C 7 0.63 15.93 17.26
C SER C 7 -0.70 16.66 17.02
N GLY C 8 -1.04 17.51 17.98
CA GLY C 8 -2.27 18.31 17.93
C GLY C 8 -2.25 19.39 16.84
N PRO C 9 -3.39 19.98 16.49
CA PRO C 9 -3.56 20.78 15.31
C PRO C 9 -3.16 22.25 15.56
N GLU C 10 -2.10 22.81 14.94
CA GLU C 10 -1.65 24.17 15.27
C GLU C 10 -2.21 25.29 14.43
N LEU C 11 -2.06 26.51 14.97
CA LEU C 11 -2.47 27.73 14.30
C LEU C 11 -1.20 28.54 14.24
N LYS C 12 -0.67 28.82 13.08
CA LYS C 12 0.58 29.55 13.03
C LYS C 12 0.36 30.61 11.96
N LYS C 13 0.72 31.84 12.25
CA LYS C 13 0.51 32.90 11.26
C LYS C 13 1.64 32.91 10.26
N PRO C 14 1.33 33.36 9.03
CA PRO C 14 2.27 33.45 7.91
C PRO C 14 3.66 33.87 8.32
N GLY C 15 4.58 33.07 7.85
CA GLY C 15 5.97 33.33 8.08
C GLY C 15 6.58 32.28 8.99
N GLU C 16 5.89 31.90 10.06
CA GLU C 16 6.41 30.94 11.03
C GLU C 16 6.76 29.52 10.54
N THR C 17 6.98 28.64 11.51
CA THR C 17 7.47 27.31 11.24
C THR C 17 6.78 26.45 12.26
N VAL C 18 6.34 25.27 11.87
CA VAL C 18 5.64 24.41 12.79
C VAL C 18 6.27 23.03 12.85
N LYS C 19 6.28 22.42 14.02
CA LYS C 19 6.82 21.07 14.11
C LYS C 19 5.64 20.13 14.13
N ILE C 20 5.59 19.17 13.23
CA ILE C 20 4.47 18.22 13.20
C ILE C 20 5.06 16.82 13.42
N SER C 21 4.60 16.03 14.37
CA SER C 21 5.18 14.75 14.75
C SER C 21 4.36 13.50 14.47
N CYS C 22 5.04 12.37 14.30
CA CYS C 22 4.38 11.11 14.06
C CYS C 22 5.09 10.21 15.04
N LYS C 23 4.40 9.50 15.91
CA LYS C 23 5.15 8.63 16.82
C LYS C 23 4.62 7.24 16.64
N ALA C 24 5.62 6.47 16.22
CA ALA C 24 5.39 5.11 15.83
C ALA C 24 5.12 4.01 16.84
N SER C 25 3.86 3.64 17.09
CA SER C 25 3.68 2.41 17.85
C SER C 25 3.60 1.30 16.82
N GLY C 26 3.62 0.06 17.33
CA GLY C 26 3.39 -1.10 16.48
C GLY C 26 4.60 -1.78 15.85
N TYR C 27 5.29 -1.14 14.90
CA TYR C 27 6.38 -1.82 14.19
C TYR C 27 7.83 -1.49 14.60
N THR C 28 8.86 -2.07 13.98
CA THR C 28 10.24 -1.71 14.32
C THR C 28 10.68 -0.61 13.40
N PHE C 29 10.68 0.60 13.92
CA PHE C 29 10.87 1.79 13.12
C PHE C 29 11.77 1.77 11.87
N THR C 30 12.92 1.18 12.11
CA THR C 30 13.96 1.13 11.15
C THR C 30 13.71 0.34 9.92
N ASN C 31 12.83 -0.65 9.94
CA ASN C 31 12.72 -1.38 8.68
C ASN C 31 11.51 -0.96 7.84
N TYR C 32 10.86 0.14 8.19
CA TYR C 32 9.74 0.66 7.39
C TYR C 32 9.73 2.19 7.36
N GLY C 33 9.91 2.76 6.16
CA GLY C 33 10.07 4.20 6.01
C GLY C 33 8.76 5.01 6.08
N MET C 34 8.82 6.24 6.66
CA MET C 34 7.66 7.16 6.78
C MET C 34 7.27 7.99 5.58
N ASN C 35 5.98 8.00 5.28
CA ASN C 35 5.42 8.64 4.07
C ASN C 35 4.69 9.91 4.49
N TRP C 36 4.68 11.04 3.81
CA TRP C 36 3.90 12.17 4.29
C TRP C 36 2.93 12.69 3.23
N VAL C 37 1.65 12.63 3.53
CA VAL C 37 0.62 12.97 2.59
C VAL C 37 -0.12 14.23 3.02
N LYS C 38 -0.36 15.14 2.08
CA LYS C 38 -1.08 16.37 2.39
C LYS C 38 -2.48 16.19 1.84
N GLN C 39 -3.45 16.71 2.60
CA GLN C 39 -4.81 16.72 2.15
C GLN C 39 -5.30 18.14 2.47
N ALA C 40 -5.47 18.90 1.38
CA ALA C 40 -6.03 20.23 1.42
C ALA C 40 -7.54 19.93 1.40
N PRO C 41 -8.49 20.82 1.69
CA PRO C 41 -9.92 20.66 1.27
C PRO C 41 -9.86 21.18 -0.16
N GLY C 42 -9.43 20.28 -1.05
CA GLY C 42 -9.32 20.63 -2.46
C GLY C 42 -9.07 19.26 -3.11
N LYS C 43 -7.89 19.17 -3.78
CA LYS C 43 -7.48 17.99 -4.59
C LYS C 43 -7.89 16.56 -4.11
N GLY C 44 -7.36 16.32 -2.88
CA GLY C 44 -7.56 15.12 -2.14
C GLY C 44 -6.21 14.69 -1.56
N LEU C 45 -5.62 13.55 -1.91
CA LEU C 45 -4.38 13.14 -1.24
C LEU C 45 -3.13 13.43 -2.08
N LYS C 46 -2.06 13.98 -1.48
CA LYS C 46 -0.87 14.33 -2.20
C LYS C 46 0.31 13.72 -1.46
N TRP C 47 1.26 13.18 -2.19
CA TRP C 47 2.40 12.59 -1.58
C TRP C 47 3.42 13.73 -1.51
N MET C 48 3.96 13.97 -0.34
CA MET C 48 5.05 14.93 -0.17
C MET C 48 6.44 14.26 -0.18
N GLY C 49 6.54 12.95 0.02
CA GLY C 49 7.84 12.32 0.04
C GLY C 49 7.98 11.27 1.12
N TRP C 50 9.12 10.64 1.26
CA TRP C 50 9.28 9.49 2.12
C TRP C 50 10.45 9.83 3.04
N ILE C 51 10.72 8.99 4.05
CA ILE C 51 11.92 9.14 4.84
C ILE C 51 12.30 7.73 5.22
N ASN C 52 13.53 7.48 4.83
CA ASN C 52 14.14 6.20 5.01
C ASN C 52 14.51 6.24 6.48
N THR C 53 13.70 5.69 7.36
CA THR C 53 13.94 5.64 8.77
C THR C 53 15.08 4.66 9.08
N ASN C 54 16.10 4.58 8.23
CA ASN C 54 17.18 3.70 8.55
C ASN C 54 18.37 4.63 8.52
N THR C 55 18.61 5.28 7.37
CA THR C 55 19.71 6.22 7.19
C THR C 55 19.32 7.71 7.35
N GLY C 56 18.03 7.91 7.19
CA GLY C 56 17.50 9.25 7.20
C GLY C 56 17.36 9.82 5.79
N GLU C 57 17.66 9.10 4.71
CA GLU C 57 17.45 9.60 3.35
C GLU C 57 16.05 10.14 3.08
N PRO C 58 15.88 11.40 2.67
CA PRO C 58 14.57 11.98 2.43
C PRO C 58 14.31 12.19 0.95
N THR C 59 13.07 12.08 0.54
CA THR C 59 12.76 12.21 -0.85
C THR C 59 11.60 13.19 -0.84
N TYR C 60 11.53 14.18 -1.72
CA TYR C 60 10.44 15.15 -1.65
C TYR C 60 9.81 15.22 -3.01
N GLY C 61 8.49 15.34 -3.03
CA GLY C 61 7.77 15.54 -4.26
C GLY C 61 8.02 16.97 -4.67
N GLU C 62 8.20 17.25 -5.95
CA GLU C 62 8.50 18.59 -6.42
C GLU C 62 7.89 19.79 -5.71
N GLU C 63 6.57 19.86 -5.57
CA GLU C 63 5.93 20.95 -4.85
C GLU C 63 6.43 21.11 -3.41
N PHE C 64 7.35 20.27 -2.92
CA PHE C 64 7.67 20.23 -1.53
C PHE C 64 9.11 20.49 -1.21
N LYS C 65 9.92 20.43 -2.26
CA LYS C 65 11.35 20.69 -2.06
C LYS C 65 11.68 22.09 -1.50
N GLY C 66 12.43 22.10 -0.39
CA GLY C 66 12.89 23.37 0.10
C GLY C 66 12.12 23.95 1.28
N ARG C 67 10.79 24.09 1.32
CA ARG C 67 10.24 24.69 2.53
C ARG C 67 9.87 23.69 3.56
N PHE C 68 9.87 22.44 3.12
CA PHE C 68 9.58 21.30 3.96
C PHE C 68 10.76 20.45 4.44
N ALA C 69 10.74 19.94 5.67
CA ALA C 69 11.81 19.06 6.09
C ALA C 69 11.40 17.87 6.92
N PHE C 70 11.41 16.67 6.33
CA PHE C 70 11.16 15.42 7.04
C PHE C 70 12.37 15.13 7.90
N SER C 71 12.17 14.77 9.15
CA SER C 71 13.27 14.52 10.06
C SER C 71 12.82 13.45 11.02
N LEU C 72 13.74 12.91 11.80
CA LEU C 72 13.30 11.95 12.77
C LEU C 72 14.04 12.11 14.08
N GLU C 73 13.41 11.61 15.11
CA GLU C 73 13.91 11.56 16.45
C GLU C 73 13.82 10.06 16.66
N THR C 74 14.71 9.38 15.94
CA THR C 74 14.92 7.92 15.88
C THR C 74 14.54 7.08 17.08
N SER C 75 15.13 7.63 18.13
CA SER C 75 15.09 7.11 19.48
C SER C 75 13.66 6.98 19.97
N ALA C 76 12.90 8.02 19.66
CA ALA C 76 11.50 8.11 20.02
C ALA C 76 10.63 7.40 18.98
N SER C 77 11.29 6.92 17.89
CA SER C 77 10.63 6.27 16.76
C SER C 77 9.67 7.31 16.20
N THR C 78 10.15 8.56 16.21
CA THR C 78 9.30 9.65 15.81
C THR C 78 9.87 10.18 14.52
N ALA C 79 8.93 10.66 13.71
CA ALA C 79 9.20 11.26 12.42
C ALA C 79 8.55 12.63 12.55
N ASN C 80 9.08 13.68 11.94
CA ASN C 80 8.55 15.02 12.09
C ASN C 80 8.58 15.61 10.71
N LEU C 81 7.67 16.55 10.46
CA LEU C 81 7.51 17.34 9.25
C LEU C 81 7.82 18.72 9.80
N GLN C 82 8.30 19.65 8.98
CA GLN C 82 8.59 21.00 9.43
C GLN C 82 8.31 21.88 8.24
N ILE C 83 7.38 22.80 8.47
CA ILE C 83 7.07 23.72 7.41
C ILE C 83 7.59 24.99 7.99
N ASN C 84 8.48 25.57 7.15
CA ASN C 84 9.21 26.79 7.47
C ASN C 84 8.75 27.87 6.48
N ASN C 85 8.70 29.13 6.96
CA ASN C 85 8.24 30.30 6.20
C ASN C 85 6.88 29.99 5.54
N LEU C 86 6.07 29.79 6.58
CA LEU C 86 4.70 29.36 6.43
C LEU C 86 3.82 30.26 5.56
N LYS C 87 3.15 29.67 4.58
CA LYS C 87 2.21 30.40 3.70
C LYS C 87 0.79 30.10 4.10
N ASN C 88 -0.18 31.01 3.92
CA ASN C 88 -1.59 30.68 4.17
C ASN C 88 -2.00 29.60 3.15
N GLU C 89 -1.30 29.43 2.04
CA GLU C 89 -1.55 28.34 1.13
C GLU C 89 -1.35 26.94 1.76
N ASP C 90 -0.53 26.83 2.83
CA ASP C 90 -0.22 25.57 3.49
C ASP C 90 -1.34 25.20 4.48
N THR C 91 -2.41 26.00 4.54
CA THR C 91 -3.54 25.78 5.47
C THR C 91 -4.17 24.38 5.23
N ALA C 92 -3.76 23.30 5.86
CA ALA C 92 -4.37 22.00 5.48
C ALA C 92 -4.20 20.89 6.47
N THR C 93 -4.50 19.60 6.16
CA THR C 93 -4.23 18.54 7.11
C THR C 93 -3.29 17.53 6.52
N PHE C 94 -2.21 17.32 7.27
CA PHE C 94 -1.13 16.45 6.84
C PHE C 94 -1.20 15.12 7.55
N PHE C 95 -0.64 14.04 6.93
CA PHE C 95 -0.62 12.67 7.47
C PHE C 95 0.74 12.01 7.44
N CYS C 96 1.06 11.16 8.39
CA CYS C 96 2.25 10.36 8.16
C CYS C 96 1.65 9.03 7.95
N ALA C 97 2.03 8.42 6.83
CA ALA C 97 1.64 7.05 6.62
C ALA C 97 2.95 6.28 6.69
N ARG C 98 2.86 4.97 6.59
CA ARG C 98 4.00 4.13 6.81
C ARG C 98 3.98 3.43 5.48
N GLY C 99 5.21 3.49 4.97
CA GLY C 99 5.53 2.90 3.71
C GLY C 99 5.75 1.43 3.95
N GLU C 100 4.97 0.61 3.22
CA GLU C 100 5.09 -0.83 3.26
C GLU C 100 6.45 -1.30 2.74
N ASP C 101 6.93 -0.62 1.67
CA ASP C 101 8.08 -1.01 0.88
C ASP C 101 9.16 0.04 0.85
N ASN C 102 10.25 -0.23 0.14
CA ASN C 102 11.29 0.76 -0.08
C ASN C 102 10.70 1.82 -1.03
N PHE C 103 10.71 3.06 -0.57
CA PHE C 103 10.15 4.32 -1.12
C PHE C 103 8.69 4.52 -0.76
N GLY C 104 7.87 3.55 -0.47
CA GLY C 104 6.57 3.99 0.04
C GLY C 104 5.56 4.22 -1.05
N SER C 105 5.47 3.17 -1.87
CA SER C 105 4.54 3.11 -2.91
C SER C 105 3.22 2.75 -2.22
N LEU C 106 3.12 1.67 -1.45
CA LEU C 106 1.90 1.42 -0.70
C LEU C 106 2.04 2.04 0.67
N SER C 107 0.94 2.55 1.18
CA SER C 107 0.95 3.04 2.51
C SER C 107 -0.06 2.30 3.34
N ASP C 108 0.37 1.19 3.93
CA ASP C 108 -0.38 0.46 4.93
C ASP C 108 -0.29 1.36 6.19
N TYR C 109 -1.39 1.64 6.90
CA TYR C 109 -1.39 2.50 8.12
C TYR C 109 -1.04 3.99 7.98
N TRP C 110 -2.00 4.81 8.46
CA TRP C 110 -1.96 6.29 8.48
C TRP C 110 -2.14 6.89 9.91
N GLY C 111 -1.40 7.91 10.36
CA GLY C 111 -1.62 8.55 11.66
C GLY C 111 -2.97 9.28 11.66
N GLN C 112 -3.43 9.91 12.76
CA GLN C 112 -4.72 10.57 12.61
C GLN C 112 -4.76 11.96 11.95
N GLY C 113 -3.62 12.53 11.61
CA GLY C 113 -3.55 13.81 10.93
C GLY C 113 -3.15 14.84 11.95
N THR C 114 -2.81 16.01 11.41
CA THR C 114 -2.45 17.20 12.17
C THR C 114 -2.89 18.32 11.25
N THR C 115 -3.77 19.15 11.82
CA THR C 115 -4.33 20.22 11.00
C THR C 115 -3.70 21.55 11.36
N VAL C 116 -3.19 22.18 10.33
CA VAL C 116 -2.53 23.43 10.50
C VAL C 116 -3.50 24.40 9.83
N THR C 117 -3.57 25.45 10.62
CA THR C 117 -4.25 26.63 10.14
C THR C 117 -3.25 27.79 10.15
N VAL C 118 -2.89 28.26 8.97
CA VAL C 118 -2.02 29.41 8.83
C VAL C 118 -2.96 30.60 8.86
N SER C 119 -2.89 31.51 9.81
CA SER C 119 -3.84 32.61 9.90
C SER C 119 -3.33 33.57 10.95
N SER C 120 -3.71 34.77 10.57
CA SER C 120 -3.40 35.95 11.34
C SER C 120 -4.49 36.19 12.38
N ALA C 121 -5.59 35.43 12.41
CA ALA C 121 -6.70 35.79 13.26
C ALA C 121 -6.33 35.59 14.71
N LYS C 122 -7.05 36.35 15.50
CA LYS C 122 -6.93 36.28 16.96
C LYS C 122 -7.60 35.01 17.52
N THR C 123 -7.20 34.41 18.65
CA THR C 123 -7.96 33.31 19.22
C THR C 123 -9.01 34.06 20.03
N THR C 124 -10.24 33.82 19.69
CA THR C 124 -11.32 34.51 20.36
C THR C 124 -12.09 33.33 20.91
N ALA C 125 -12.21 33.26 22.23
CA ALA C 125 -12.94 32.15 22.83
C ALA C 125 -14.42 32.34 22.52
N PRO C 126 -15.26 31.30 22.52
CA PRO C 126 -16.66 31.41 22.19
C PRO C 126 -17.54 31.86 23.32
N SER C 127 -18.68 32.27 22.83
CA SER C 127 -19.83 32.60 23.60
C SER C 127 -20.69 31.34 23.28
N VAL C 128 -21.17 30.66 24.32
CA VAL C 128 -22.04 29.48 24.25
C VAL C 128 -23.44 29.90 24.72
N TYR C 129 -24.50 29.60 23.98
CA TYR C 129 -25.85 30.04 24.32
C TYR C 129 -26.78 28.87 24.37
N PRO C 130 -27.61 28.63 25.35
CA PRO C 130 -28.59 27.57 25.28
C PRO C 130 -29.89 27.86 24.56
N LEU C 131 -30.01 27.10 23.48
CA LEU C 131 -31.09 27.27 22.55
C LEU C 131 -32.20 26.41 23.00
N ALA C 132 -33.19 26.96 23.66
CA ALA C 132 -34.27 26.09 24.07
C ALA C 132 -35.58 26.57 23.47
N PRO C 133 -36.62 25.75 23.27
CA PRO C 133 -37.77 26.04 22.41
C PRO C 133 -38.87 26.97 22.98
N VAL C 134 -39.61 27.70 22.12
CA VAL C 134 -40.71 28.53 22.61
C VAL C 134 -41.92 27.63 22.91
N CYS C 135 -42.22 26.66 22.02
CA CYS C 135 -43.36 25.77 22.19
C CYS C 135 -43.50 25.00 20.86
N GLY C 136 -44.41 24.01 20.86
CA GLY C 136 -44.78 23.33 19.63
C GLY C 136 -44.45 21.85 19.65
N ASP C 137 -45.33 21.18 18.89
CA ASP C 137 -45.34 19.73 18.63
C ASP C 137 -44.10 19.43 17.74
N THR C 138 -42.97 19.09 18.37
CA THR C 138 -41.77 18.77 17.59
C THR C 138 -41.89 17.31 17.21
N THR C 139 -42.42 17.20 15.97
CA THR C 139 -42.69 15.94 15.29
C THR C 139 -43.63 15.02 16.10
N GLY C 140 -43.25 14.46 17.26
CA GLY C 140 -44.15 13.63 18.04
C GLY C 140 -43.37 12.91 19.13
N SER C 141 -43.84 13.21 20.37
CA SER C 141 -43.36 12.66 21.64
C SER C 141 -41.87 12.95 21.91
N SER C 142 -41.51 14.19 21.56
CA SER C 142 -40.12 14.55 21.51
C SER C 142 -39.92 16.05 21.58
N VAL C 143 -38.74 16.44 22.06
CA VAL C 143 -38.42 17.84 22.16
C VAL C 143 -36.94 17.98 21.83
N THR C 144 -36.68 18.99 21.05
CA THR C 144 -35.32 19.25 20.66
C THR C 144 -34.84 20.38 21.49
N LEU C 145 -33.60 20.26 21.82
CA LEU C 145 -32.94 21.37 22.45
C LEU C 145 -31.74 21.69 21.52
N GLY C 146 -31.11 22.84 21.68
CA GLY C 146 -30.01 23.24 20.83
C GLY C 146 -28.98 24.03 21.63
N CYS C 147 -27.95 24.42 20.93
CA CYS C 147 -26.85 25.09 21.56
C CYS C 147 -26.11 25.73 20.40
N LEU C 148 -25.65 26.96 20.58
CA LEU C 148 -24.91 27.67 19.55
C LEU C 148 -23.59 28.01 20.21
N VAL C 149 -22.52 27.93 19.42
CA VAL C 149 -21.22 28.27 19.91
C VAL C 149 -20.74 29.27 18.88
N LYS C 150 -20.99 30.56 19.14
CA LYS C 150 -20.53 31.67 18.27
C LYS C 150 -19.28 32.33 18.84
N GLY C 151 -18.36 32.89 18.05
CA GLY C 151 -17.28 33.69 18.58
C GLY C 151 -15.92 33.00 18.67
N TYR C 152 -15.79 31.65 18.57
CA TYR C 152 -14.44 31.10 18.69
C TYR C 152 -13.57 31.12 17.44
N PHE C 153 -12.27 31.10 17.70
CA PHE C 153 -11.23 30.86 16.73
C PHE C 153 -10.10 30.29 17.60
N PRO C 154 -9.34 29.33 17.05
CA PRO C 154 -9.64 28.66 15.80
C PRO C 154 -10.41 27.38 16.08
N GLU C 155 -10.96 26.64 15.05
CA GLU C 155 -11.57 25.31 15.30
C GLU C 155 -10.38 24.48 15.76
N PRO C 156 -10.45 23.47 16.66
CA PRO C 156 -11.63 22.75 17.11
C PRO C 156 -12.49 23.33 18.24
N VAL C 157 -13.55 22.58 18.57
CA VAL C 157 -14.42 22.91 19.69
C VAL C 157 -15.02 21.56 19.98
N THR C 158 -15.09 21.22 21.24
CA THR C 158 -15.57 19.91 21.54
C THR C 158 -16.87 20.17 22.22
N LEU C 159 -17.95 19.61 21.70
CA LEU C 159 -19.22 19.78 22.35
C LEU C 159 -19.58 18.39 22.87
N THR C 160 -20.36 18.27 23.95
CA THR C 160 -20.85 17.01 24.52
C THR C 160 -22.20 17.32 25.20
N TRP C 161 -23.25 16.57 24.93
CA TRP C 161 -24.49 16.75 25.65
C TRP C 161 -24.30 15.80 26.79
N ASN C 162 -24.70 16.31 27.96
CA ASN C 162 -24.52 15.71 29.28
C ASN C 162 -23.38 14.72 29.35
N SER C 163 -22.22 15.31 29.55
CA SER C 163 -21.00 14.56 29.81
C SER C 163 -20.69 13.38 28.87
N GLY C 164 -21.27 13.36 27.65
CA GLY C 164 -21.06 12.24 26.74
C GLY C 164 -22.20 11.27 26.88
N SER C 165 -22.76 11.10 28.07
CA SER C 165 -23.80 10.11 28.27
C SER C 165 -24.99 10.36 27.36
N LEU C 166 -25.27 11.60 26.90
CA LEU C 166 -26.40 11.83 26.02
C LEU C 166 -25.87 11.85 24.61
N SER C 167 -26.24 10.74 23.95
CA SER C 167 -25.72 10.46 22.61
C SER C 167 -26.76 10.35 21.48
N SER C 168 -27.64 9.38 21.65
CA SER C 168 -28.74 9.20 20.73
C SER C 168 -29.51 10.50 20.63
N GLY C 169 -29.46 11.03 19.41
CA GLY C 169 -30.24 12.21 19.10
C GLY C 169 -29.44 13.46 18.71
N VAL C 170 -28.16 13.45 19.02
CA VAL C 170 -27.36 14.59 18.67
C VAL C 170 -27.08 14.71 17.16
N HIS C 171 -27.08 15.97 16.71
CA HIS C 171 -26.61 16.28 15.38
C HIS C 171 -25.82 17.52 15.74
N THR C 172 -24.51 17.35 15.73
CA THR C 172 -23.59 18.45 15.91
C THR C 172 -23.28 18.73 14.44
N PHE C 173 -23.38 20.01 14.14
CA PHE C 173 -23.10 20.56 12.83
C PHE C 173 -21.64 20.89 12.66
N PRO C 174 -21.16 21.15 11.45
CA PRO C 174 -19.81 21.62 11.19
C PRO C 174 -19.73 23.04 11.61
N ALA C 175 -18.50 23.45 11.83
CA ALA C 175 -18.34 24.86 12.10
C ALA C 175 -18.33 25.59 10.79
N VAL C 176 -18.59 26.88 10.79
CA VAL C 176 -18.53 27.66 9.57
C VAL C 176 -17.89 28.98 10.00
N LEU C 177 -17.03 29.47 9.11
CA LEU C 177 -16.21 30.63 9.31
C LEU C 177 -16.86 31.84 8.72
N GLN C 178 -17.19 32.82 9.54
CA GLN C 178 -17.70 34.06 8.99
C GLN C 178 -16.58 35.02 9.34
N SER C 179 -15.86 35.18 8.24
CA SER C 179 -14.76 36.15 8.20
C SER C 179 -13.54 35.92 9.14
N ASP C 180 -13.74 36.19 10.44
CA ASP C 180 -12.65 36.02 11.38
C ASP C 180 -12.92 34.85 12.34
N LEU C 181 -14.17 34.57 12.64
CA LEU C 181 -14.45 33.47 13.57
C LEU C 181 -15.48 32.46 13.07
N TYR C 182 -15.65 31.41 13.89
CA TYR C 182 -16.51 30.27 13.66
C TYR C 182 -17.74 30.39 14.49
N THR C 183 -18.79 29.74 13.99
CA THR C 183 -20.09 29.60 14.61
C THR C 183 -20.57 28.14 14.47
N LEU C 184 -21.13 27.58 15.55
CA LEU C 184 -21.49 26.17 15.63
C LEU C 184 -22.86 25.91 16.23
N SER C 185 -23.47 24.76 15.97
CA SER C 185 -24.78 24.39 16.47
C SER C 185 -24.76 22.90 16.69
N SER C 186 -25.55 22.46 17.66
CA SER C 186 -25.81 21.07 17.91
C SER C 186 -27.21 21.07 18.52
N SER C 187 -27.90 20.03 18.07
CA SER C 187 -29.29 19.71 18.36
C SER C 187 -29.32 18.38 19.09
N VAL C 188 -30.29 18.14 19.94
CA VAL C 188 -30.39 16.86 20.61
C VAL C 188 -31.87 16.76 20.85
N THR C 189 -32.46 15.77 20.21
CA THR C 189 -33.87 15.48 20.47
C THR C 189 -34.02 14.39 21.54
N VAL C 190 -34.66 14.82 22.63
CA VAL C 190 -34.95 14.04 23.82
C VAL C 190 -36.42 13.62 23.81
N THR C 191 -36.87 12.66 24.66
CA THR C 191 -38.28 12.29 24.68
C THR C 191 -39.02 13.27 25.55
N SER C 192 -40.31 13.46 25.29
CA SER C 192 -41.13 14.36 26.09
C SER C 192 -40.95 14.07 27.59
N SER C 193 -40.84 12.79 27.94
CA SER C 193 -40.61 12.30 29.30
C SER C 193 -39.26 12.67 29.96
N THR C 194 -38.20 12.88 29.18
CA THR C 194 -36.86 13.24 29.64
C THR C 194 -36.69 14.74 29.98
N TRP C 195 -37.50 15.75 29.60
CA TRP C 195 -37.07 17.13 29.85
C TRP C 195 -38.25 17.98 30.14
N PRO C 196 -38.26 19.01 31.01
CA PRO C 196 -37.23 19.37 32.01
C PRO C 196 -37.19 18.54 33.30
N SER C 197 -37.57 17.28 33.11
CA SER C 197 -37.47 16.23 34.10
C SER C 197 -36.00 16.06 34.40
N GLN C 198 -35.27 15.51 33.40
CA GLN C 198 -33.86 15.32 33.58
C GLN C 198 -33.09 16.59 33.23
N SER C 199 -31.79 16.57 33.44
CA SER C 199 -31.06 17.81 33.30
C SER C 199 -30.24 17.91 32.02
N ILE C 200 -30.78 18.30 30.88
CA ILE C 200 -29.94 18.37 29.69
C ILE C 200 -28.94 19.53 29.75
N THR C 201 -27.72 19.29 29.23
CA THR C 201 -26.63 20.25 29.24
C THR C 201 -25.62 20.20 28.08
N CYS C 202 -25.26 21.41 27.66
CA CYS C 202 -24.37 21.77 26.57
C CYS C 202 -22.94 22.06 27.02
N ASN C 203 -22.13 21.01 27.17
CA ASN C 203 -20.79 21.11 27.71
C ASN C 203 -19.79 21.48 26.61
N VAL C 204 -19.04 22.58 26.67
CA VAL C 204 -18.23 23.00 25.56
C VAL C 204 -16.75 23.21 25.93
N ALA C 205 -15.79 22.49 25.37
CA ALA C 205 -14.36 22.78 25.61
C ALA C 205 -13.75 23.49 24.43
N HIS C 206 -13.20 24.67 24.68
CA HIS C 206 -12.49 25.27 23.58
C HIS C 206 -11.04 25.04 23.97
N PRO C 207 -10.41 24.00 23.41
CA PRO C 207 -9.08 23.54 23.80
C PRO C 207 -8.10 24.72 23.65
N ALA C 208 -8.20 25.30 22.44
CA ALA C 208 -7.44 26.47 22.00
C ALA C 208 -7.29 27.65 22.95
N SER C 209 -8.34 27.97 23.75
CA SER C 209 -8.18 28.98 24.78
C SER C 209 -8.80 28.61 26.12
N SER C 210 -8.60 27.35 26.53
CA SER C 210 -8.94 26.91 27.90
C SER C 210 -10.36 27.09 28.44
N THR C 211 -11.20 27.52 27.55
CA THR C 211 -12.59 27.85 27.83
C THR C 211 -13.31 26.51 28.02
N LYS C 212 -14.16 26.33 29.01
CA LYS C 212 -15.09 25.22 28.99
C LYS C 212 -16.24 25.63 29.88
N VAL C 213 -17.29 25.62 29.08
CA VAL C 213 -18.61 26.06 29.45
C VAL C 213 -19.38 24.78 29.65
N ASP C 214 -20.48 24.86 30.39
CA ASP C 214 -21.49 23.84 30.45
C ASP C 214 -22.75 24.69 30.50
N LYS C 215 -23.36 25.28 29.46
CA LYS C 215 -24.67 25.92 29.69
C LYS C 215 -25.73 24.85 29.97
N LYS C 216 -26.63 25.09 30.89
CA LYS C 216 -27.76 24.21 31.11
C LYS C 216 -28.83 24.78 30.22
N ILE C 217 -29.74 23.91 29.84
CA ILE C 217 -30.83 24.38 29.03
C ILE C 217 -32.00 24.49 29.99
N GLU C 218 -32.11 25.63 30.67
CA GLU C 218 -33.28 25.80 31.52
C GLU C 218 -34.54 25.99 30.74
N PRO C 219 -35.66 25.42 31.24
CA PRO C 219 -36.93 25.36 30.54
C PRO C 219 -37.38 26.55 29.79
N ARG C 220 -37.24 27.79 30.30
CA ARG C 220 -37.65 29.00 29.72
C ARG C 220 -38.75 29.04 28.66
N GLY C 221 -39.81 28.48 29.22
CA GLY C 221 -40.90 28.20 28.33
C GLY C 221 -42.21 28.54 29.06
#